data_7ZST
#
_entry.id   7ZST
#
_cell.length_a   119.284
_cell.length_b   89.735
_cell.length_c   137.052
_cell.angle_alpha   90.000
_cell.angle_beta   109.215
_cell.angle_gamma   90.000
#
_symmetry.space_group_name_H-M   'I 1 2 1'
#
loop_
_entity.id
_entity.type
_entity.pdbx_description
1 polymer 'Aspartate carbamoyltransferase'
2 non-polymer GLYCEROL
3 non-polymer 'SULFATE ION'
4 non-polymer 'SODIUM ION'
5 non-polymer 2-azanyl-~{N}-(2-methoxyethyl)-5-phenyl-thiophene-3-carboxamide
6 water water
#
_entity_poly.entity_id   1
_entity_poly.type   'polypeptide(L)'
_entity_poly.pdbx_seq_one_letter_code
;MFYINSKYKIDLDKIMTKMKNKSVINIDDVDDEELLAILYTSKQFEKILKNNEDSKYLENKVFCSVFLEPSTRTRCSFDA
AILKLGSKVLNITDMNSTSFYKGETVEDAFKILSTYVDGIIYRDPSKKNVDIAVSSSSKPIINAGNGTGEHPTQSLLDFY
TIHNYFPFILDRNINKKLNIAFVGDLKNGRTVHSLSKLLSRYNVSFNFVSCKSLNIPKDIVNTITYNLKKNNFYSDDSIK
YFDNLEEGLEDVHIIYMTRIQKERFTDVDEYNQYKNAFILSNKTLENTRDDTKILHPLPRVNEIKVEVDSNPKSVYFTQA
ENGLYVRMALLYLIFSSTSSAWSHPQFEK
;
_entity_poly.pdbx_strand_id   A,B,C
#
# COMPACT_ATOMS: atom_id res chain seq x y z
N ASP A 11 -22.91 28.86 5.54
CA ASP A 11 -22.51 29.43 4.20
C ASP A 11 -21.25 28.68 3.71
N LEU A 12 -21.42 27.64 2.89
CA LEU A 12 -20.33 26.70 2.51
C LEU A 12 -19.33 27.37 1.55
N ASP A 13 -19.83 28.05 0.51
CA ASP A 13 -18.96 28.64 -0.55
C ASP A 13 -18.28 29.89 0.00
N LYS A 14 -18.46 30.21 1.29
CA LYS A 14 -17.59 31.15 2.04
C LYS A 14 -16.57 30.37 2.85
N ILE A 15 -17.07 29.44 3.66
CA ILE A 15 -16.26 28.74 4.73
C ILE A 15 -15.30 27.78 4.03
N MET A 16 -15.77 27.00 3.05
CA MET A 16 -14.86 26.19 2.17
C MET A 16 -13.75 27.10 1.61
N THR A 17 -14.08 28.24 1.03
CA THR A 17 -13.07 29.14 0.42
C THR A 17 -12.07 29.58 1.51
N LYS A 18 -12.54 29.77 2.74
CA LYS A 18 -11.69 30.15 3.89
C LYS A 18 -10.75 28.99 4.25
N MET A 19 -11.17 27.72 4.11
CA MET A 19 -10.43 26.52 4.60
C MET A 19 -9.54 25.91 3.51
N LYS A 20 -9.75 26.27 2.24
CA LYS A 20 -9.00 25.70 1.08
C LYS A 20 -7.52 25.80 1.41
N ASN A 21 -6.80 24.67 1.43
CA ASN A 21 -5.32 24.63 1.57
C ASN A 21 -4.91 24.93 3.02
N LYS A 22 -5.84 24.79 3.94
CA LYS A 22 -5.60 24.99 5.39
C LYS A 22 -4.90 23.73 5.93
N SER A 23 -3.89 23.89 6.75
CA SER A 23 -3.30 22.83 7.58
C SER A 23 -4.11 22.72 8.87
N VAL A 24 -4.43 21.52 9.29
CA VAL A 24 -5.08 21.30 10.61
C VAL A 24 -4.13 20.49 11.48
N ILE A 25 -3.50 21.16 12.44
CA ILE A 25 -2.46 20.59 13.34
C ILE A 25 -3.02 20.45 14.75
N ASN A 26 -3.84 21.39 15.18
CA ASN A 26 -4.34 21.52 16.59
C ASN A 26 -5.82 21.87 16.49
N ILE A 27 -6.63 21.45 17.46
CA ILE A 27 -8.10 21.73 17.45
C ILE A 27 -8.34 23.26 17.51
N ASP A 28 -7.38 24.05 18.01
CA ASP A 28 -7.53 25.54 18.03
C ASP A 28 -7.27 26.13 16.64
N ASP A 29 -6.81 25.37 15.66
CA ASP A 29 -6.76 25.78 14.23
C ASP A 29 -8.18 25.75 13.63
N VAL A 30 -9.16 25.24 14.36
CA VAL A 30 -10.58 25.16 13.92
C VAL A 30 -11.40 26.13 14.75
N ASP A 31 -12.01 27.12 14.12
CA ASP A 31 -12.83 28.16 14.83
C ASP A 31 -14.31 27.76 14.71
N ASP A 32 -15.20 28.61 15.21
CA ASP A 32 -16.66 28.36 15.34
C ASP A 32 -17.24 27.97 13.97
N GLU A 33 -16.99 28.76 12.93
CA GLU A 33 -17.66 28.52 11.61
C GLU A 33 -17.05 27.29 10.95
N GLU A 34 -15.76 27.03 11.12
CA GLU A 34 -15.10 25.86 10.48
C GLU A 34 -15.73 24.62 11.09
N LEU A 35 -15.90 24.58 12.41
CA LEU A 35 -16.55 23.46 13.12
C LEU A 35 -17.92 23.18 12.49
N LEU A 36 -18.66 24.24 12.13
CA LEU A 36 -20.05 24.13 11.63
C LEU A 36 -20.06 23.55 10.22
N ALA A 37 -19.16 24.01 9.38
CA ALA A 37 -18.97 23.44 8.02
C ALA A 37 -18.63 21.94 8.13
N ILE A 38 -17.66 21.62 8.99
CA ILE A 38 -17.18 20.23 9.22
C ILE A 38 -18.38 19.39 9.62
N LEU A 39 -19.06 19.79 10.71
CA LEU A 39 -20.19 19.01 11.31
C LEU A 39 -21.32 18.86 10.28
N TYR A 40 -21.54 19.88 9.47
CA TYR A 40 -22.57 19.87 8.40
C TYR A 40 -22.13 18.90 7.29
N THR A 41 -20.93 19.09 6.75
CA THR A 41 -20.34 18.22 5.68
C THR A 41 -20.25 16.75 6.17
N SER A 42 -19.81 16.52 7.40
CA SER A 42 -19.71 15.17 8.01
C SER A 42 -21.09 14.47 7.95
N LYS A 43 -22.15 15.23 8.22
CA LYS A 43 -23.54 14.67 8.29
C LYS A 43 -23.98 14.33 6.89
N GLN A 44 -23.53 15.08 5.89
CA GLN A 44 -23.91 14.83 4.48
C GLN A 44 -23.28 13.51 4.02
N PHE A 45 -21.99 13.29 4.36
CA PHE A 45 -21.23 12.07 4.00
C PHE A 45 -21.80 10.87 4.76
N GLU A 46 -22.27 11.06 5.99
CA GLU A 46 -22.99 9.97 6.72
C GLU A 46 -24.16 9.41 5.90
N LYS A 47 -25.04 10.28 5.44
CA LYS A 47 -26.31 9.87 4.76
C LYS A 47 -25.99 9.27 3.40
N ILE A 48 -25.07 9.91 2.67
CA ILE A 48 -24.64 9.45 1.31
C ILE A 48 -24.18 8.00 1.45
N LEU A 49 -23.29 7.74 2.41
CA LEU A 49 -22.71 6.41 2.57
C LEU A 49 -23.80 5.44 3.06
N LYS A 50 -24.61 5.86 4.03
CA LYS A 50 -25.71 5.02 4.59
C LYS A 50 -26.80 4.74 3.55
N ASN A 51 -26.87 5.50 2.45
CA ASN A 51 -27.85 5.29 1.35
C ASN A 51 -27.19 4.63 0.14
N ASN A 52 -25.95 4.16 0.28
CA ASN A 52 -25.12 3.58 -0.81
C ASN A 52 -25.17 4.50 -2.04
N GLU A 53 -25.09 5.81 -1.85
CA GLU A 53 -25.01 6.78 -2.97
C GLU A 53 -23.53 7.04 -3.31
N ASP A 54 -23.26 7.51 -4.54
CA ASP A 54 -21.94 8.01 -5.01
C ASP A 54 -21.37 8.98 -3.97
N SER A 55 -20.13 8.71 -3.53
CA SER A 55 -19.37 9.47 -2.51
C SER A 55 -18.17 10.18 -3.12
N LYS A 56 -17.95 10.04 -4.43
CA LYS A 56 -16.72 10.52 -5.13
C LYS A 56 -16.74 12.05 -5.32
N TYR A 57 -16.71 12.81 -4.23
CA TYR A 57 -16.75 14.29 -4.23
C TYR A 57 -15.35 14.91 -4.30
N LEU A 58 -14.30 14.11 -4.40
CA LEU A 58 -12.88 14.61 -4.42
C LEU A 58 -11.98 13.57 -5.11
N GLU A 59 -12.00 13.59 -6.45
CA GLU A 59 -11.27 12.69 -7.36
C GLU A 59 -10.00 13.39 -7.85
N ASN A 60 -9.11 12.68 -8.52
CA ASN A 60 -7.95 13.31 -9.22
C ASN A 60 -6.98 13.92 -8.21
N LYS A 61 -7.13 13.56 -6.94
CA LYS A 61 -6.24 14.01 -5.83
C LYS A 61 -5.38 12.80 -5.40
N VAL A 62 -4.11 13.09 -5.13
CA VAL A 62 -3.09 12.11 -4.70
C VAL A 62 -2.46 12.64 -3.41
N PHE A 63 -2.64 11.91 -2.33
CA PHE A 63 -2.18 12.26 -0.97
C PHE A 63 -1.03 11.31 -0.59
N CYS A 64 -0.13 11.77 0.26
CA CYS A 64 0.83 10.91 0.98
C CYS A 64 0.37 10.83 2.43
N SER A 65 0.24 9.61 2.92
CA SER A 65 0.01 9.28 4.34
C SER A 65 1.35 8.78 4.89
N VAL A 66 1.93 9.53 5.81
CA VAL A 66 3.17 9.19 6.55
C VAL A 66 2.78 8.85 7.99
N PHE A 67 2.81 7.57 8.33
CA PHE A 67 2.66 7.05 9.72
C PHE A 67 4.03 6.55 10.21
N LEU A 68 4.66 7.29 11.10
CA LEU A 68 5.98 6.98 11.67
C LEU A 68 5.82 6.41 13.10
N GLU A 69 4.64 5.87 13.41
CA GLU A 69 4.29 5.14 14.66
C GLU A 69 3.13 4.23 14.29
N PRO A 70 3.09 2.99 14.83
CA PRO A 70 1.99 2.07 14.54
C PRO A 70 0.72 2.71 15.09
N SER A 71 -0.22 3.07 14.21
CA SER A 71 -1.53 3.67 14.58
C SER A 71 -2.58 3.31 13.54
N THR A 72 -2.70 2.00 13.32
CA THR A 72 -3.49 1.33 12.29
C THR A 72 -4.90 1.97 12.19
N ARG A 73 -5.62 2.17 13.28
CA ARG A 73 -7.06 2.59 13.17
C ARG A 73 -7.17 3.97 12.49
N THR A 74 -6.30 4.90 12.82
CA THR A 74 -6.37 6.30 12.31
C THR A 74 -5.94 6.31 10.85
N ARG A 75 -4.87 5.58 10.55
CA ARG A 75 -4.32 5.44 9.18
C ARG A 75 -5.41 4.86 8.27
N CYS A 76 -5.94 3.68 8.64
CA CYS A 76 -6.98 2.98 7.85
C CYS A 76 -8.18 3.91 7.67
N SER A 77 -8.52 4.69 8.69
CA SER A 77 -9.63 5.66 8.66
C SER A 77 -9.35 6.65 7.54
N PHE A 78 -8.22 7.35 7.62
CA PHE A 78 -7.87 8.45 6.68
C PHE A 78 -7.76 7.90 5.23
N ASP A 79 -7.18 6.72 5.07
CA ASP A 79 -7.08 6.05 3.75
C ASP A 79 -8.49 5.68 3.23
N ALA A 80 -9.35 5.13 4.06
CA ALA A 80 -10.75 4.81 3.66
C ALA A 80 -11.43 6.10 3.16
N ALA A 81 -11.24 7.22 3.86
CA ALA A 81 -11.89 8.50 3.55
C ALA A 81 -11.42 8.97 2.17
N ILE A 82 -10.10 8.96 1.97
CA ILE A 82 -9.44 9.38 0.70
C ILE A 82 -9.95 8.51 -0.45
N LEU A 83 -10.04 7.21 -0.27
CA LEU A 83 -10.48 6.26 -1.33
C LEU A 83 -11.98 6.44 -1.58
N LYS A 84 -12.78 6.63 -0.55
CA LYS A 84 -14.28 6.75 -0.66
C LYS A 84 -14.64 8.08 -1.37
N LEU A 85 -13.82 9.14 -1.19
CA LEU A 85 -14.03 10.44 -1.89
C LEU A 85 -13.63 10.28 -3.35
N GLY A 86 -12.98 9.15 -3.68
CA GLY A 86 -12.61 8.84 -5.07
C GLY A 86 -11.21 9.32 -5.39
N SER A 87 -10.40 9.67 -4.38
CA SER A 87 -8.98 10.06 -4.58
C SER A 87 -8.02 8.87 -4.37
N LYS A 88 -6.71 9.12 -4.41
CA LYS A 88 -5.64 8.09 -4.32
C LYS A 88 -4.62 8.48 -3.25
N VAL A 89 -3.82 7.52 -2.78
CA VAL A 89 -2.86 7.80 -1.66
C VAL A 89 -1.62 6.88 -1.71
N LEU A 90 -0.41 7.45 -1.60
CA LEU A 90 0.80 6.67 -1.29
C LEU A 90 0.98 6.65 0.21
N ASN A 91 1.36 5.48 0.74
CA ASN A 91 1.47 5.17 2.18
C ASN A 91 2.94 5.04 2.52
N ILE A 92 3.38 5.75 3.56
CA ILE A 92 4.66 5.53 4.25
C ILE A 92 4.33 5.07 5.68
N THR A 93 5.03 4.05 6.16
CA THR A 93 4.43 3.06 7.07
C THR A 93 5.53 2.19 7.65
N ASP A 94 5.28 1.60 8.83
CA ASP A 94 6.14 0.60 9.54
C ASP A 94 7.58 1.13 9.65
N MET A 95 7.74 2.47 9.57
CA MET A 95 9.01 3.20 9.82
C MET A 95 8.76 4.06 11.05
N ASN A 96 9.84 4.47 11.73
CA ASN A 96 9.86 5.50 12.82
C ASN A 96 10.66 6.71 12.32
N SER A 97 10.60 7.82 13.05
CA SER A 97 11.32 9.08 12.74
C SER A 97 12.72 8.81 12.14
N THR A 98 13.46 7.81 12.60
CA THR A 98 14.89 7.63 12.23
C THR A 98 15.06 6.79 10.95
N SER A 99 14.32 5.69 10.76
CA SER A 99 14.39 4.82 9.54
C SER A 99 13.96 5.62 8.30
N PHE A 100 12.88 6.41 8.41
CA PHE A 100 12.54 7.51 7.48
C PHE A 100 13.37 8.71 7.95
N TYR A 101 13.72 9.65 7.09
CA TYR A 101 14.72 10.72 7.41
C TYR A 101 16.12 10.10 7.62
N LYS A 102 16.46 8.99 6.95
CA LYS A 102 17.58 8.10 7.38
C LYS A 102 18.83 8.92 7.80
N GLY A 103 18.69 10.23 7.99
CA GLY A 103 19.80 11.20 7.99
C GLY A 103 19.30 12.59 7.63
N GLU A 104 18.44 12.64 6.59
CA GLU A 104 17.88 13.86 5.96
C GLU A 104 17.19 14.76 7.00
N THR A 105 17.27 16.09 6.80
CA THR A 105 16.51 17.11 7.58
C THR A 105 15.03 16.93 7.24
N VAL A 106 14.13 17.17 8.20
CA VAL A 106 12.65 17.08 8.01
C VAL A 106 12.25 18.11 6.94
N GLU A 107 12.83 19.29 7.03
CA GLU A 107 12.61 20.44 6.10
C GLU A 107 12.82 19.99 4.65
N ASP A 108 13.95 19.35 4.33
CA ASP A 108 14.26 18.82 2.97
C ASP A 108 13.20 17.77 2.60
N ALA A 109 13.01 16.77 3.47
CA ALA A 109 12.07 15.65 3.28
C ALA A 109 10.69 16.16 2.92
N PHE A 110 10.17 17.15 3.64
CA PHE A 110 8.81 17.69 3.37
C PHE A 110 8.81 18.64 2.16
N LYS A 111 9.89 19.39 1.94
CA LYS A 111 10.00 20.32 0.78
C LYS A 111 9.86 19.51 -0.51
N ILE A 112 10.51 18.34 -0.54
CA ILE A 112 10.53 17.42 -1.71
C ILE A 112 9.20 16.67 -1.76
N LEU A 113 8.82 16.00 -0.68
CA LEU A 113 7.64 15.10 -0.73
C LEU A 113 6.42 15.91 -1.20
N SER A 114 6.28 17.15 -0.73
CA SER A 114 5.12 18.03 -1.03
C SER A 114 5.11 18.48 -2.50
N THR A 115 6.16 18.29 -3.29
CA THR A 115 6.12 18.62 -4.75
C THR A 115 5.42 17.48 -5.50
N TYR A 116 5.31 16.27 -4.92
CA TYR A 116 4.72 15.08 -5.56
C TYR A 116 3.22 14.99 -5.36
N VAL A 117 2.67 15.56 -4.28
CA VAL A 117 1.31 15.22 -3.77
C VAL A 117 0.49 16.49 -3.55
N ASP A 118 -0.82 16.35 -3.39
CA ASP A 118 -1.75 17.48 -3.14
C ASP A 118 -1.80 17.75 -1.64
N GLY A 119 -1.69 16.74 -0.80
CA GLY A 119 -1.67 16.95 0.66
C GLY A 119 -1.09 15.75 1.38
N ILE A 120 -0.84 15.92 2.67
CA ILE A 120 -0.10 14.91 3.48
C ILE A 120 -0.89 14.74 4.77
N ILE A 121 -1.15 13.47 5.12
CA ILE A 121 -1.62 13.07 6.47
C ILE A 121 -0.34 12.62 7.18
N TYR A 122 -0.05 13.21 8.33
CA TYR A 122 1.23 12.98 9.04
C TYR A 122 0.92 12.59 10.48
N ARG A 123 1.38 11.40 10.86
CA ARG A 123 1.49 10.98 12.27
C ARG A 123 2.95 10.75 12.62
N ASP A 124 3.41 11.33 13.72
CA ASP A 124 4.80 11.31 14.24
C ASP A 124 4.71 11.56 15.75
N PRO A 125 5.33 10.71 16.60
CA PRO A 125 5.35 10.98 18.04
C PRO A 125 5.85 12.39 18.33
N SER A 126 6.90 12.83 17.65
CA SER A 126 7.54 14.18 17.79
C SER A 126 6.56 15.31 17.48
N LYS A 127 6.19 16.08 18.51
CA LYS A 127 5.63 17.46 18.39
C LYS A 127 6.39 18.32 17.36
N LYS A 128 7.72 18.37 17.50
CA LYS A 128 8.63 19.25 16.71
C LYS A 128 8.42 18.98 15.22
N ASN A 129 8.47 17.69 14.86
CA ASN A 129 8.59 17.23 13.45
C ASN A 129 7.40 17.76 12.65
N VAL A 130 6.20 17.65 13.22
CA VAL A 130 4.95 18.07 12.55
C VAL A 130 5.01 19.59 12.31
N ASP A 131 5.48 20.34 13.29
CA ASP A 131 5.61 21.83 13.14
C ASP A 131 6.60 22.13 12.00
N ILE A 132 7.77 21.47 12.00
CA ILE A 132 8.81 21.70 10.94
C ILE A 132 8.16 21.38 9.59
N ALA A 133 7.44 20.25 9.53
CA ALA A 133 6.78 19.70 8.33
C ALA A 133 5.83 20.74 7.72
N VAL A 134 5.03 21.41 8.55
CA VAL A 134 4.12 22.50 8.08
C VAL A 134 4.95 23.65 7.52
N SER A 135 6.05 24.03 8.19
CA SER A 135 6.96 25.14 7.78
C SER A 135 7.52 24.88 6.38
N SER A 136 7.89 23.62 6.08
CA SER A 136 8.69 23.22 4.89
C SER A 136 7.79 22.78 3.73
N SER A 137 6.58 22.31 4.03
CA SER A 137 5.65 21.72 3.03
C SER A 137 5.04 22.83 2.18
N SER A 138 5.06 22.69 0.87
CA SER A 138 4.30 23.59 -0.03
C SER A 138 2.83 23.20 -0.02
N LYS A 139 2.46 22.11 0.68
CA LYS A 139 1.09 21.55 0.59
C LYS A 139 0.51 21.45 1.99
N PRO A 140 -0.84 21.40 2.11
CA PRO A 140 -1.50 21.23 3.39
C PRO A 140 -1.12 19.91 4.09
N ILE A 141 -1.00 19.97 5.41
CA ILE A 141 -0.82 18.80 6.30
C ILE A 141 -2.03 18.69 7.22
N ILE A 142 -2.55 17.48 7.38
CA ILE A 142 -3.48 17.15 8.49
C ILE A 142 -2.71 16.29 9.48
N ASN A 143 -2.57 16.74 10.72
CA ASN A 143 -2.01 15.98 11.86
C ASN A 143 -2.96 14.82 12.17
N ALA A 144 -2.45 13.59 12.10
CA ALA A 144 -3.17 12.35 12.44
C ALA A 144 -2.81 11.92 13.86
N GLY A 145 -2.02 12.72 14.59
CA GLY A 145 -1.57 12.45 15.98
C GLY A 145 -0.10 12.79 16.16
N ASN A 146 0.26 13.51 17.23
CA ASN A 146 1.69 13.76 17.59
C ASN A 146 1.91 13.62 19.12
N GLY A 147 3.02 14.18 19.61
CA GLY A 147 3.56 14.02 20.98
C GLY A 147 3.10 15.10 21.94
N THR A 148 2.59 16.22 21.43
CA THR A 148 1.90 17.29 22.23
C THR A 148 0.49 16.82 22.61
N GLY A 149 0.04 15.68 22.06
CA GLY A 149 -1.33 15.16 22.21
C GLY A 149 -2.32 15.86 21.32
N GLU A 150 -1.84 16.69 20.39
CA GLU A 150 -2.68 17.27 19.32
C GLU A 150 -3.10 16.09 18.44
N HIS A 151 -4.39 15.75 18.45
CA HIS A 151 -5.02 14.78 17.52
C HIS A 151 -6.34 15.35 17.09
N PRO A 152 -6.34 16.41 16.28
CA PRO A 152 -7.53 17.19 16.01
C PRO A 152 -8.76 16.42 15.53
N THR A 153 -8.61 15.51 14.59
CA THR A 153 -9.72 14.75 13.95
C THR A 153 -10.40 13.85 14.97
N GLN A 154 -9.70 13.44 16.03
CA GLN A 154 -10.33 12.68 17.12
C GLN A 154 -11.32 13.57 17.90
N SER A 155 -10.89 14.78 18.28
CA SER A 155 -11.74 15.82 18.90
C SER A 155 -12.96 16.07 18.00
N LEU A 156 -12.78 16.23 16.69
CA LEU A 156 -13.90 16.54 15.77
C LEU A 156 -14.95 15.43 15.76
N LEU A 157 -14.54 14.18 15.61
CA LEU A 157 -15.47 13.01 15.59
C LEU A 157 -16.03 12.76 17.00
N ASP A 158 -15.26 13.02 18.07
CA ASP A 158 -15.76 13.01 19.48
C ASP A 158 -16.93 14.02 19.60
N PHE A 159 -16.68 15.26 19.17
CA PHE A 159 -17.64 16.38 19.16
C PHE A 159 -18.77 16.04 18.19
N TYR A 160 -18.49 15.41 17.03
CA TYR A 160 -19.56 15.08 16.04
C TYR A 160 -20.59 14.19 16.73
N THR A 161 -20.08 13.13 17.35
CA THR A 161 -20.89 12.09 18.03
C THR A 161 -21.79 12.75 19.09
N ILE A 162 -21.21 13.58 19.95
CA ILE A 162 -21.97 14.33 20.98
C ILE A 162 -23.08 15.16 20.30
N HIS A 163 -22.72 15.97 19.30
CA HIS A 163 -23.67 16.91 18.64
C HIS A 163 -24.88 16.14 18.10
N ASN A 164 -24.70 14.91 17.60
CA ASN A 164 -25.84 14.11 17.06
C ASN A 164 -26.88 13.79 18.15
N TYR A 165 -26.45 13.52 19.39
CA TYR A 165 -27.36 13.16 20.51
C TYR A 165 -27.81 14.40 21.31
N PHE A 166 -27.10 15.53 21.21
CA PHE A 166 -27.36 16.76 22.02
C PHE A 166 -27.00 18.02 21.21
N PRO A 167 -27.72 18.30 20.11
CA PRO A 167 -27.33 19.39 19.21
C PRO A 167 -27.31 20.82 19.81
N PHE A 168 -27.76 20.99 21.06
CA PHE A 168 -27.85 22.30 21.76
C PHE A 168 -26.48 22.74 22.33
N ILE A 169 -25.46 21.88 22.28
CA ILE A 169 -24.07 22.34 22.57
C ILE A 169 -23.76 23.51 21.66
N LEU A 170 -24.21 23.47 20.39
CA LEU A 170 -23.92 24.52 19.39
C LEU A 170 -24.74 25.79 19.63
N ASP A 171 -25.85 25.75 20.38
CA ASP A 171 -26.79 26.89 20.58
C ASP A 171 -26.16 27.98 21.48
N ARG A 172 -25.20 27.64 22.35
CA ARG A 172 -24.59 28.53 23.39
C ARG A 172 -25.69 29.31 24.11
N ASN A 173 -26.66 28.54 24.59
CA ASN A 173 -27.88 29.01 25.28
C ASN A 173 -27.68 28.82 26.80
N ILE A 174 -27.88 29.88 27.61
CA ILE A 174 -27.53 29.86 29.06
C ILE A 174 -28.36 28.77 29.76
N ASN A 175 -29.52 28.44 29.19
CA ASN A 175 -30.49 27.41 29.69
C ASN A 175 -30.24 25.98 29.14
N LYS A 176 -29.43 25.79 28.10
CA LYS A 176 -29.16 24.42 27.55
C LYS A 176 -27.65 24.14 27.65
N LYS A 177 -27.27 23.72 28.86
CA LYS A 177 -25.92 23.25 29.26
C LYS A 177 -25.83 21.71 29.11
N LEU A 178 -24.73 21.24 28.52
CA LEU A 178 -24.29 19.81 28.51
C LEU A 178 -23.37 19.54 29.69
N ASN A 179 -23.56 18.41 30.38
CA ASN A 179 -22.61 17.93 31.41
C ASN A 179 -21.97 16.66 30.89
N ILE A 180 -20.66 16.50 31.08
CA ILE A 180 -19.89 15.31 30.65
C ILE A 180 -18.97 14.87 31.79
N ALA A 181 -18.83 13.55 31.96
CA ALA A 181 -17.85 12.89 32.84
C ALA A 181 -16.73 12.27 31.98
N PHE A 182 -15.50 12.79 32.10
CA PHE A 182 -14.23 12.13 31.68
C PHE A 182 -13.75 11.24 32.84
N VAL A 183 -13.44 9.97 32.54
CA VAL A 183 -13.11 8.90 33.53
C VAL A 183 -11.82 8.16 33.14
N GLY A 184 -10.94 7.94 34.10
CA GLY A 184 -9.74 7.11 33.94
C GLY A 184 -8.49 7.97 33.96
N ASP A 185 -7.53 7.73 33.06
CA ASP A 185 -6.21 8.41 33.08
C ASP A 185 -6.39 9.79 32.48
N LEU A 186 -6.59 10.80 33.34
CA LEU A 186 -6.84 12.19 32.91
C LEU A 186 -5.50 12.92 32.77
N LYS A 187 -4.43 12.42 33.38
CA LYS A 187 -3.08 13.04 33.29
C LYS A 187 -2.55 12.89 31.87
N ASN A 188 -2.64 11.67 31.32
CA ASN A 188 -2.00 11.27 30.02
C ASN A 188 -3.01 11.14 28.89
N GLY A 189 -4.31 11.01 29.19
CA GLY A 189 -5.36 10.92 28.16
C GLY A 189 -5.47 12.22 27.41
N ARG A 190 -4.58 12.45 26.45
CA ARG A 190 -4.49 13.77 25.76
C ARG A 190 -5.73 13.93 24.87
N THR A 191 -6.49 12.86 24.70
CA THR A 191 -7.78 12.86 23.98
C THR A 191 -8.80 13.62 24.82
N VAL A 192 -8.70 13.50 26.14
CA VAL A 192 -9.49 14.29 27.13
C VAL A 192 -9.17 15.78 26.95
N HIS A 193 -7.88 16.11 26.89
CA HIS A 193 -7.36 17.51 26.87
C HIS A 193 -7.88 18.20 25.63
N SER A 194 -7.62 17.60 24.48
CA SER A 194 -8.03 18.15 23.16
C SER A 194 -9.55 18.42 23.17
N LEU A 195 -10.37 17.49 23.64
CA LEU A 195 -11.86 17.59 23.62
C LEU A 195 -12.35 18.59 24.69
N SER A 196 -11.87 18.48 25.93
CA SER A 196 -12.07 19.46 27.02
C SER A 196 -11.94 20.88 26.46
N LYS A 197 -10.87 21.11 25.69
CA LYS A 197 -10.56 22.39 25.03
C LYS A 197 -11.69 22.77 24.07
N LEU A 198 -12.14 21.86 23.22
CA LEU A 198 -13.21 22.15 22.23
C LEU A 198 -14.54 22.41 22.95
N LEU A 199 -14.86 21.59 23.97
CA LEU A 199 -16.16 21.62 24.68
C LEU A 199 -16.33 22.96 25.41
N SER A 200 -15.29 23.43 26.09
CA SER A 200 -15.34 24.60 27.00
C SER A 200 -15.61 25.89 26.20
N ARG A 201 -15.67 25.81 24.89
CA ARG A 201 -16.03 26.91 23.95
C ARG A 201 -17.55 27.08 23.94
N TYR A 202 -18.26 26.11 24.52
CA TYR A 202 -19.75 26.01 24.54
C TYR A 202 -20.22 25.90 26.00
N ASN A 203 -21.54 25.79 26.21
CA ASN A 203 -22.14 25.77 27.57
C ASN A 203 -22.06 24.33 28.08
N VAL A 204 -20.99 24.00 28.80
CA VAL A 204 -20.63 22.61 29.20
C VAL A 204 -20.10 22.58 30.63
N SER A 205 -20.39 21.52 31.35
CA SER A 205 -19.84 21.25 32.70
C SER A 205 -19.09 19.91 32.71
N PHE A 206 -18.07 19.79 33.56
CA PHE A 206 -17.05 18.71 33.56
C PHE A 206 -16.96 18.04 34.92
N ASN A 207 -17.17 16.73 34.97
CA ASN A 207 -16.86 15.85 36.13
C ASN A 207 -15.59 15.05 35.80
N PHE A 208 -14.44 15.38 36.42
CA PHE A 208 -13.15 14.66 36.27
C PHE A 208 -13.09 13.55 37.33
N VAL A 209 -13.26 12.30 36.87
CA VAL A 209 -13.26 11.08 37.72
C VAL A 209 -11.91 10.39 37.54
N SER A 210 -11.03 10.44 38.55
CA SER A 210 -9.64 9.95 38.43
C SER A 210 -9.16 9.41 39.77
N CYS A 211 -8.01 8.73 39.75
CA CYS A 211 -7.15 8.40 40.91
C CYS A 211 -6.11 9.52 41.03
N LYS A 212 -5.61 9.76 42.24
CA LYS A 212 -4.79 10.97 42.60
C LYS A 212 -3.75 11.22 41.50
N SER A 213 -2.85 10.27 41.23
CA SER A 213 -1.68 10.49 40.32
C SER A 213 -2.14 10.70 38.87
N LEU A 214 -3.41 10.42 38.55
CA LEU A 214 -3.99 10.58 37.19
C LEU A 214 -5.05 11.69 37.15
N ASN A 215 -5.03 12.63 38.10
CA ASN A 215 -5.89 13.85 38.09
C ASN A 215 -5.61 14.62 36.80
N ILE A 216 -6.58 15.37 36.32
CA ILE A 216 -6.44 16.25 35.13
C ILE A 216 -5.37 17.30 35.44
N PRO A 217 -4.53 17.71 34.46
CA PRO A 217 -3.52 18.74 34.69
C PRO A 217 -4.12 20.13 34.92
N LYS A 218 -3.43 21.00 35.66
CA LYS A 218 -3.87 22.38 36.02
C LYS A 218 -4.08 23.20 34.73
N ASP A 219 -3.15 23.07 33.78
CA ASP A 219 -3.09 23.84 32.51
C ASP A 219 -4.40 23.67 31.75
N ILE A 220 -4.95 22.45 31.76
CA ILE A 220 -6.23 22.11 31.07
C ILE A 220 -7.37 22.76 31.82
N VAL A 221 -7.35 22.67 33.14
CA VAL A 221 -8.39 23.31 33.99
C VAL A 221 -8.43 24.82 33.69
N ASN A 222 -7.28 25.43 33.45
CA ASN A 222 -7.16 26.90 33.21
C ASN A 222 -7.73 27.29 31.84
N THR A 223 -7.54 26.43 30.84
CA THR A 223 -8.07 26.58 29.46
C THR A 223 -9.59 26.45 29.50
N ILE A 224 -10.08 25.44 30.23
CA ILE A 224 -11.54 25.21 30.39
C ILE A 224 -12.12 26.49 31.01
N THR A 225 -11.60 26.86 32.18
CA THR A 225 -11.98 28.06 32.95
C THR A 225 -11.92 29.28 32.04
N TYR A 226 -10.82 29.48 31.33
CA TYR A 226 -10.64 30.63 30.41
C TYR A 226 -11.80 30.64 29.42
N ASN A 227 -12.12 29.52 28.78
CA ASN A 227 -13.05 29.44 27.62
C ASN A 227 -14.51 29.49 28.07
N LEU A 228 -14.79 28.94 29.24
CA LEU A 228 -16.13 29.05 29.86
C LEU A 228 -16.39 30.54 30.15
N LYS A 229 -15.49 31.20 30.87
CA LYS A 229 -15.55 32.66 31.15
C LYS A 229 -15.77 33.44 29.85
N LYS A 230 -15.00 33.15 28.80
CA LYS A 230 -15.12 33.87 27.51
C LYS A 230 -16.59 33.93 27.06
N ASN A 231 -17.39 32.87 27.27
CA ASN A 231 -18.81 32.84 26.83
C ASN A 231 -19.79 33.02 28.00
N ASN A 232 -19.31 33.38 29.21
CA ASN A 232 -20.13 33.66 30.41
C ASN A 232 -20.98 32.43 30.73
N PHE A 233 -20.33 31.27 30.76
CA PHE A 233 -20.92 29.97 31.14
C PHE A 233 -20.16 29.42 32.34
N TYR A 234 -19.25 30.19 32.95
CA TYR A 234 -18.39 29.69 34.04
C TYR A 234 -19.12 29.91 35.35
N SER A 235 -19.06 28.90 36.23
CA SER A 235 -19.46 28.98 37.66
C SER A 235 -18.47 28.11 38.46
N ASP A 236 -18.69 28.00 39.78
CA ASP A 236 -17.82 27.16 40.67
C ASP A 236 -18.31 25.71 40.57
N ASP A 237 -19.49 25.48 39.96
CA ASP A 237 -20.05 24.13 39.68
C ASP A 237 -19.89 23.77 38.18
N SER A 238 -18.94 24.40 37.49
CA SER A 238 -18.57 24.15 36.06
C SER A 238 -17.66 22.93 35.99
N ILE A 239 -16.84 22.73 37.01
CA ILE A 239 -15.80 21.67 37.08
C ILE A 239 -15.93 21.02 38.45
N LYS A 240 -16.23 19.72 38.50
CA LYS A 240 -16.39 18.95 39.75
C LYS A 240 -15.44 17.75 39.68
N TYR A 241 -14.73 17.44 40.78
CA TYR A 241 -13.74 16.33 40.85
C TYR A 241 -14.37 15.20 41.66
N PHE A 242 -14.09 13.95 41.26
CA PHE A 242 -14.60 12.73 41.94
C PHE A 242 -13.54 11.64 41.89
N ASP A 243 -13.72 10.69 42.80
CA ASP A 243 -12.80 9.59 43.13
C ASP A 243 -13.45 8.26 42.75
N ASN A 244 -14.75 8.29 42.42
CA ASN A 244 -15.65 7.12 42.33
C ASN A 244 -16.70 7.42 41.24
N LEU A 245 -17.31 6.37 40.68
CA LEU A 245 -18.24 6.47 39.51
C LEU A 245 -19.61 6.92 40.00
N GLU A 246 -20.00 6.45 41.18
CA GLU A 246 -21.34 6.66 41.79
C GLU A 246 -21.64 8.16 41.75
N GLU A 247 -20.71 8.98 42.24
CA GLU A 247 -20.79 10.46 42.28
C GLU A 247 -20.49 11.00 40.86
N GLY A 248 -19.48 10.44 40.22
CA GLY A 248 -18.98 10.86 38.90
C GLY A 248 -20.09 10.97 37.88
N LEU A 249 -20.93 9.93 37.79
CA LEU A 249 -21.84 9.73 36.63
C LEU A 249 -23.16 10.47 36.86
N GLU A 250 -23.20 11.30 37.91
CA GLU A 250 -24.41 11.96 38.47
C GLU A 250 -25.33 12.38 37.35
N ASP A 251 -25.21 13.61 36.86
CA ASP A 251 -26.26 14.17 35.97
C ASP A 251 -25.61 14.49 34.62
N VAL A 252 -24.86 13.52 34.09
CA VAL A 252 -23.96 13.71 32.91
C VAL A 252 -24.66 13.18 31.67
N HIS A 253 -24.78 14.02 30.65
CA HIS A 253 -25.33 13.65 29.31
C HIS A 253 -24.34 12.75 28.60
N ILE A 254 -23.03 12.90 28.84
CA ILE A 254 -21.97 12.12 28.15
C ILE A 254 -21.05 11.51 29.20
N ILE A 255 -20.79 10.20 29.09
CA ILE A 255 -19.67 9.55 29.81
C ILE A 255 -18.58 9.24 28.79
N TYR A 256 -17.44 9.93 28.86
CA TYR A 256 -16.25 9.65 28.03
C TYR A 256 -15.27 8.87 28.88
N MET A 257 -15.08 7.58 28.57
CA MET A 257 -14.05 6.73 29.22
C MET A 257 -12.73 6.90 28.47
N THR A 258 -11.61 6.96 29.18
CA THR A 258 -10.27 7.06 28.55
C THR A 258 -9.58 5.70 28.52
N ARG A 259 -8.55 5.58 27.71
CA ARG A 259 -7.58 4.46 27.75
C ARG A 259 -6.65 4.55 28.96
N ILE A 260 -5.83 3.51 29.13
CA ILE A 260 -4.80 3.30 30.20
C ILE A 260 -3.54 2.64 29.55
N GLN A 261 -2.28 3.14 29.71
CA GLN A 261 -1.04 2.46 29.20
C GLN A 261 -0.19 1.88 30.35
N ASN A 276 -8.72 -2.70 36.90
CA ASN A 276 -8.48 -1.26 37.13
C ASN A 276 -9.53 -0.69 38.12
N ALA A 277 -9.60 0.64 38.23
CA ALA A 277 -10.32 1.38 39.29
C ALA A 277 -11.72 1.79 38.84
N PHE A 278 -11.86 2.14 37.56
CA PHE A 278 -13.11 2.67 36.95
C PHE A 278 -13.52 1.75 35.79
N ILE A 279 -14.36 0.76 36.10
CA ILE A 279 -14.86 -0.25 35.12
C ILE A 279 -16.35 -0.02 34.96
N LEU A 280 -16.77 0.43 33.79
CA LEU A 280 -18.18 0.67 33.43
C LEU A 280 -18.88 -0.69 33.27
N SER A 281 -19.91 -0.94 34.06
CA SER A 281 -20.80 -2.14 34.03
C SER A 281 -22.23 -1.68 33.82
N ASN A 282 -23.17 -2.59 33.61
CA ASN A 282 -24.62 -2.25 33.60
C ASN A 282 -25.05 -1.81 35.00
N LYS A 283 -24.42 -2.36 36.06
CA LYS A 283 -24.61 -1.91 37.48
C LYS A 283 -24.41 -0.39 37.55
N THR A 284 -23.19 0.08 37.23
CA THR A 284 -22.73 1.49 37.38
C THR A 284 -23.50 2.45 36.46
N LEU A 285 -24.28 1.96 35.49
CA LEU A 285 -25.05 2.80 34.53
C LEU A 285 -26.51 2.91 34.96
N GLU A 286 -26.88 2.30 36.10
CA GLU A 286 -28.29 2.20 36.59
C GLU A 286 -28.80 3.58 37.00
N ASN A 287 -27.98 4.40 37.69
CA ASN A 287 -28.38 5.75 38.15
C ASN A 287 -27.64 6.79 37.33
N THR A 288 -27.78 6.71 36.01
CA THR A 288 -27.42 7.76 35.03
C THR A 288 -28.71 8.33 34.44
N ARG A 289 -28.64 9.50 33.81
CA ARG A 289 -29.77 10.06 33.05
C ARG A 289 -30.19 9.00 32.02
N ASP A 290 -31.42 9.07 31.54
CA ASP A 290 -31.91 8.11 30.51
C ASP A 290 -31.18 8.42 29.22
N ASP A 291 -30.93 9.70 28.93
CA ASP A 291 -30.36 10.11 27.63
C ASP A 291 -28.82 9.97 27.60
N THR A 292 -28.15 9.70 28.73
CA THR A 292 -26.68 9.53 28.78
C THR A 292 -26.19 8.60 27.66
N LYS A 293 -25.11 9.00 26.98
CA LYS A 293 -24.41 8.20 25.93
C LYS A 293 -22.94 8.03 26.34
N ILE A 294 -22.37 6.88 26.03
CA ILE A 294 -21.01 6.46 26.46
C ILE A 294 -20.09 6.44 25.25
N LEU A 295 -19.01 7.24 25.33
CA LEU A 295 -17.93 7.39 24.32
C LEU A 295 -16.64 6.76 24.87
N HIS A 296 -15.76 6.37 23.97
CA HIS A 296 -14.44 5.82 24.31
C HIS A 296 -13.64 5.85 23.03
N PRO A 297 -12.48 6.53 23.00
CA PRO A 297 -11.72 6.70 21.76
C PRO A 297 -11.30 5.36 21.16
N LEU A 298 -11.16 4.34 22.02
CA LEU A 298 -10.80 2.92 21.69
C LEU A 298 -9.33 2.87 21.26
N PRO A 299 -8.65 1.73 21.46
CA PRO A 299 -9.25 0.51 22.01
C PRO A 299 -9.48 0.51 23.52
N ARG A 300 -10.58 -0.14 23.93
CA ARG A 300 -10.82 -0.51 25.33
C ARG A 300 -9.96 -1.72 25.72
N VAL A 301 -9.76 -1.93 27.02
CA VAL A 301 -9.39 -3.24 27.65
C VAL A 301 -10.53 -3.66 28.60
N ASN A 302 -10.38 -3.50 29.91
CA ASN A 302 -11.41 -3.91 30.89
C ASN A 302 -12.20 -2.67 31.40
N GLU A 303 -11.99 -1.47 30.86
CA GLU A 303 -12.67 -0.22 31.33
C GLU A 303 -14.17 -0.25 31.02
N ILE A 304 -14.59 -0.87 29.92
CA ILE A 304 -16.04 -1.06 29.59
C ILE A 304 -16.24 -2.55 29.30
N LYS A 305 -17.17 -3.18 30.03
CA LYS A 305 -17.50 -4.63 29.95
C LYS A 305 -18.37 -4.86 28.72
N VAL A 306 -18.23 -6.04 28.12
CA VAL A 306 -18.91 -6.42 26.84
C VAL A 306 -20.44 -6.33 27.04
N GLU A 307 -20.94 -6.54 28.25
CA GLU A 307 -22.40 -6.45 28.53
C GLU A 307 -22.94 -5.06 28.13
N VAL A 308 -22.11 -4.01 28.27
CA VAL A 308 -22.53 -2.60 28.04
C VAL A 308 -22.75 -2.36 26.54
N ASP A 309 -22.14 -3.18 25.67
CA ASP A 309 -22.22 -3.02 24.19
C ASP A 309 -23.67 -3.11 23.75
N SER A 310 -24.49 -3.90 24.46
CA SER A 310 -25.91 -4.17 24.17
C SER A 310 -26.78 -3.02 24.68
N ASN A 311 -26.34 -2.38 25.75
CA ASN A 311 -27.02 -1.23 26.41
C ASN A 311 -27.13 -0.09 25.42
N PRO A 312 -28.36 0.42 25.10
CA PRO A 312 -28.54 1.42 24.03
C PRO A 312 -27.85 2.77 24.31
N LYS A 313 -27.36 2.98 25.54
CA LYS A 313 -26.60 4.19 25.93
C LYS A 313 -25.21 4.18 25.28
N SER A 314 -24.63 3.00 25.04
CA SER A 314 -23.27 2.87 24.45
C SER A 314 -23.29 3.28 22.97
N VAL A 315 -22.36 4.16 22.56
CA VAL A 315 -22.21 4.63 21.15
C VAL A 315 -20.74 4.68 20.73
N TYR A 316 -19.82 4.05 21.46
CA TYR A 316 -18.36 4.14 21.18
C TYR A 316 -18.05 3.55 19.82
N PHE A 317 -18.86 2.59 19.31
CA PHE A 317 -18.60 1.93 18.00
C PHE A 317 -19.05 2.86 16.88
N THR A 318 -20.19 3.53 17.06
CA THR A 318 -20.71 4.57 16.14
C THR A 318 -19.71 5.72 16.10
N GLN A 319 -19.07 6.00 17.23
CA GLN A 319 -18.09 7.10 17.41
C GLN A 319 -16.90 6.81 16.52
N ALA A 320 -16.34 5.61 16.56
CA ALA A 320 -15.21 5.23 15.65
C ALA A 320 -15.69 5.29 14.19
N GLU A 321 -16.88 4.78 13.90
CA GLU A 321 -17.48 4.86 12.53
C GLU A 321 -17.55 6.34 12.09
N ASN A 322 -17.87 7.26 12.99
CA ASN A 322 -18.06 8.69 12.64
C ASN A 322 -16.77 9.28 12.08
N GLY A 323 -15.61 8.76 12.51
CA GLY A 323 -14.28 9.21 12.06
C GLY A 323 -14.18 9.17 10.56
N LEU A 324 -14.79 8.19 9.89
CA LEU A 324 -14.77 8.14 8.41
C LEU A 324 -15.40 9.42 7.88
N TYR A 325 -16.64 9.72 8.32
CA TYR A 325 -17.48 10.85 7.83
C TYR A 325 -16.79 12.19 8.14
N VAL A 326 -16.25 12.32 9.32
CA VAL A 326 -15.51 13.55 9.70
C VAL A 326 -14.24 13.69 8.87
N ARG A 327 -13.46 12.63 8.67
CA ARG A 327 -12.17 12.73 7.93
C ARG A 327 -12.48 13.04 6.46
N MET A 328 -13.60 12.56 5.93
CA MET A 328 -14.00 12.82 4.52
C MET A 328 -14.33 14.30 4.38
N ALA A 329 -15.21 14.77 5.27
CA ALA A 329 -15.60 16.19 5.46
C ALA A 329 -14.36 17.08 5.43
N LEU A 330 -13.41 16.81 6.31
CA LEU A 330 -12.24 17.68 6.49
C LEU A 330 -11.41 17.71 5.19
N LEU A 331 -11.20 16.57 4.55
CA LEU A 331 -10.45 16.47 3.26
C LEU A 331 -11.22 17.25 2.16
N TYR A 332 -12.53 17.04 2.05
CA TYR A 332 -13.36 17.72 1.02
C TYR A 332 -13.30 19.26 1.21
N LEU A 333 -13.43 19.71 2.46
CA LEU A 333 -13.40 21.14 2.82
C LEU A 333 -12.06 21.76 2.44
N ILE A 334 -10.97 21.03 2.58
CA ILE A 334 -9.60 21.60 2.46
C ILE A 334 -9.09 21.50 1.01
N PHE A 335 -9.40 20.43 0.28
CA PHE A 335 -8.68 20.02 -0.96
C PHE A 335 -9.55 20.17 -2.22
N SER A 336 -10.86 20.32 -2.07
CA SER A 336 -11.79 20.47 -3.22
C SER A 336 -11.38 21.74 -3.96
N SER A 337 -11.17 21.63 -5.28
CA SER A 337 -10.91 22.77 -6.21
C SER A 337 -12.20 23.11 -6.95
N SER A 343 -23.48 21.21 -6.37
CA SER A 343 -22.67 19.97 -6.28
C SER A 343 -22.02 19.80 -4.90
N HIS A 344 -22.26 20.73 -3.95
CA HIS A 344 -21.92 20.55 -2.50
C HIS A 344 -22.92 19.55 -1.90
N PRO A 345 -22.47 18.58 -1.06
CA PRO A 345 -23.05 17.22 -1.02
C PRO A 345 -24.43 17.05 -0.36
N GLN A 346 -25.30 16.22 -0.95
CA GLN A 346 -26.74 16.10 -0.57
C GLN A 346 -27.23 14.65 -0.69
N ILE B 10 -25.38 -22.11 -15.90
CA ILE B 10 -26.86 -21.97 -16.08
C ILE B 10 -27.28 -20.62 -15.46
N ASP B 11 -27.93 -20.57 -14.28
CA ASP B 11 -28.75 -19.40 -13.84
C ASP B 11 -27.94 -18.47 -12.93
N LEU B 12 -27.17 -17.55 -13.53
CA LEU B 12 -26.20 -16.68 -12.81
C LEU B 12 -26.96 -15.61 -12.02
N ASP B 13 -28.06 -15.09 -12.58
CA ASP B 13 -28.88 -14.02 -11.98
C ASP B 13 -29.38 -14.49 -10.59
N LYS B 14 -29.61 -15.79 -10.45
CA LYS B 14 -30.10 -16.43 -9.21
C LYS B 14 -28.93 -16.71 -8.26
N ILE B 15 -27.86 -17.28 -8.82
CA ILE B 15 -26.68 -17.75 -8.03
C ILE B 15 -25.90 -16.53 -7.54
N MET B 16 -25.68 -15.51 -8.38
CA MET B 16 -25.10 -14.22 -7.92
C MET B 16 -25.93 -13.66 -6.74
N THR B 17 -27.26 -13.65 -6.85
CA THR B 17 -28.15 -13.18 -5.76
C THR B 17 -27.90 -14.02 -4.51
N LYS B 18 -27.67 -15.32 -4.66
CA LYS B 18 -27.35 -16.23 -3.52
C LYS B 18 -26.01 -15.84 -2.87
N MET B 19 -25.01 -15.40 -3.66
CA MET B 19 -23.61 -15.20 -3.18
C MET B 19 -23.37 -13.78 -2.66
N LYS B 20 -24.24 -12.82 -2.99
CA LYS B 20 -24.07 -11.39 -2.60
C LYS B 20 -23.84 -11.33 -1.08
N ASN B 21 -22.71 -10.80 -0.63
CA ASN B 21 -22.41 -10.59 0.80
C ASN B 21 -22.10 -11.94 1.51
N LYS B 22 -21.74 -12.95 0.73
CA LYS B 22 -21.31 -14.27 1.25
C LYS B 22 -19.89 -14.16 1.80
N SER B 23 -19.61 -14.69 2.99
CA SER B 23 -18.21 -14.84 3.47
C SER B 23 -17.71 -16.20 2.98
N VAL B 24 -16.50 -16.23 2.46
CA VAL B 24 -15.87 -17.50 1.99
C VAL B 24 -14.65 -17.78 2.87
N ILE B 25 -14.83 -18.71 3.80
CA ILE B 25 -13.82 -19.06 4.86
C ILE B 25 -13.26 -20.45 4.55
N ASN B 26 -14.11 -21.36 4.11
CA ASN B 26 -13.75 -22.78 3.90
C ASN B 26 -14.35 -23.20 2.56
N ILE B 27 -13.71 -24.12 1.84
CA ILE B 27 -14.24 -24.67 0.56
C ILE B 27 -15.62 -25.31 0.76
N ASP B 28 -15.98 -25.76 1.96
CA ASP B 28 -17.33 -26.29 2.27
C ASP B 28 -18.40 -25.18 2.32
N ASP B 29 -18.02 -23.90 2.35
CA ASP B 29 -18.96 -22.75 2.23
C ASP B 29 -19.38 -22.60 0.76
N VAL B 30 -18.73 -23.31 -0.16
CA VAL B 30 -19.00 -23.19 -1.61
C VAL B 30 -19.71 -24.47 -2.09
N ASP B 31 -20.95 -24.36 -2.57
CA ASP B 31 -21.76 -25.53 -2.96
C ASP B 31 -21.63 -25.70 -4.47
N ASP B 32 -22.29 -26.72 -5.02
CA ASP B 32 -22.26 -27.14 -6.44
C ASP B 32 -22.48 -25.95 -7.37
N GLU B 33 -23.58 -25.24 -7.17
CA GLU B 33 -24.05 -24.13 -8.05
C GLU B 33 -23.03 -22.98 -7.99
N GLU B 34 -22.57 -22.65 -6.79
CA GLU B 34 -21.63 -21.54 -6.55
C GLU B 34 -20.32 -21.87 -7.28
N LEU B 35 -19.85 -23.10 -7.18
CA LEU B 35 -18.61 -23.55 -7.88
C LEU B 35 -18.77 -23.28 -9.39
N LEU B 36 -19.95 -23.51 -9.93
CA LEU B 36 -20.20 -23.41 -11.38
C LEU B 36 -20.21 -21.92 -11.78
N ALA B 37 -20.82 -21.05 -10.99
CA ALA B 37 -20.78 -19.58 -11.19
C ALA B 37 -19.32 -19.12 -11.21
N ILE B 38 -18.56 -19.54 -10.20
CA ILE B 38 -17.14 -19.18 -10.03
C ILE B 38 -16.39 -19.60 -11.30
N LEU B 39 -16.44 -20.90 -11.65
CA LEU B 39 -15.70 -21.50 -12.80
C LEU B 39 -16.11 -20.77 -14.10
N TYR B 40 -17.39 -20.44 -14.23
CA TYR B 40 -17.94 -19.76 -15.42
C TYR B 40 -17.42 -18.30 -15.43
N THR B 41 -17.60 -17.55 -14.34
CA THR B 41 -17.13 -16.15 -14.21
C THR B 41 -15.60 -16.08 -14.39
N SER B 42 -14.85 -16.99 -13.78
CA SER B 42 -13.37 -17.03 -13.87
C SER B 42 -12.94 -17.11 -15.35
N LYS B 43 -13.67 -17.90 -16.14
CA LYS B 43 -13.35 -18.13 -17.57
C LYS B 43 -13.66 -16.85 -18.35
N GLN B 44 -14.67 -16.11 -17.92
CA GLN B 44 -15.05 -14.83 -18.59
C GLN B 44 -13.93 -13.80 -18.39
N PHE B 45 -13.39 -13.70 -17.16
CA PHE B 45 -12.30 -12.76 -16.80
C PHE B 45 -10.99 -13.17 -17.46
N GLU B 46 -10.77 -14.46 -17.67
CA GLU B 46 -9.61 -14.96 -18.45
C GLU B 46 -9.62 -14.36 -19.85
N LYS B 47 -10.73 -14.48 -20.58
CA LYS B 47 -10.84 -14.00 -21.99
C LYS B 47 -10.75 -12.46 -22.02
N ILE B 48 -11.43 -11.79 -21.10
CA ILE B 48 -11.44 -10.30 -21.02
C ILE B 48 -9.99 -9.83 -20.95
N LEU B 49 -9.24 -10.40 -20.00
CA LEU B 49 -7.83 -9.98 -19.77
C LEU B 49 -6.98 -10.38 -20.97
N LYS B 50 -7.14 -11.59 -21.49
CA LYS B 50 -6.37 -12.08 -22.68
C LYS B 50 -6.75 -11.31 -23.96
N ASN B 51 -7.87 -10.58 -23.99
CA ASN B 51 -8.31 -9.75 -25.14
C ASN B 51 -8.01 -8.27 -24.88
N ASN B 52 -7.31 -7.94 -23.79
CA ASN B 52 -7.05 -6.55 -23.33
C ASN B 52 -8.32 -5.72 -23.40
N GLU B 53 -9.44 -6.28 -22.98
CA GLU B 53 -10.72 -5.57 -22.80
C GLU B 53 -10.77 -5.00 -21.39
N ASP B 54 -11.52 -3.91 -21.21
CA ASP B 54 -11.89 -3.35 -19.90
C ASP B 54 -12.47 -4.49 -19.03
N SER B 55 -11.94 -4.56 -17.81
CA SER B 55 -12.23 -5.56 -16.76
C SER B 55 -12.87 -4.89 -15.55
N LYS B 56 -13.19 -3.60 -15.61
CA LYS B 56 -13.63 -2.78 -14.43
C LYS B 56 -15.10 -3.08 -14.14
N TYR B 57 -15.42 -4.31 -13.72
CA TYR B 57 -16.82 -4.76 -13.48
C TYR B 57 -17.17 -4.60 -11.99
N LEU B 58 -16.32 -3.94 -11.20
CA LEU B 58 -16.59 -3.73 -9.75
C LEU B 58 -15.80 -2.50 -9.28
N GLU B 59 -16.35 -1.31 -9.55
CA GLU B 59 -15.75 0.01 -9.27
C GLU B 59 -16.37 0.56 -7.99
N ASN B 60 -15.80 1.63 -7.42
CA ASN B 60 -16.42 2.37 -6.29
C ASN B 60 -16.46 1.51 -5.03
N LYS B 61 -15.72 0.42 -5.04
CA LYS B 61 -15.58 -0.52 -3.88
C LYS B 61 -14.19 -0.32 -3.26
N VAL B 62 -14.18 -0.32 -1.95
CA VAL B 62 -12.99 -0.07 -1.08
C VAL B 62 -12.88 -1.24 -0.13
N PHE B 63 -11.78 -1.96 -0.25
CA PHE B 63 -11.51 -3.23 0.48
C PHE B 63 -10.35 -3.01 1.43
N CYS B 64 -10.35 -3.70 2.56
CA CYS B 64 -9.14 -3.89 3.39
C CYS B 64 -8.59 -5.31 3.16
N SER B 65 -7.32 -5.37 2.81
CA SER B 65 -6.45 -6.56 2.74
C SER B 65 -5.59 -6.58 3.99
N VAL B 66 -5.86 -7.51 4.89
CA VAL B 66 -5.10 -7.75 6.15
C VAL B 66 -4.31 -9.03 5.99
N PHE B 67 -2.99 -8.90 5.81
CA PHE B 67 -2.03 -10.02 5.77
C PHE B 67 -1.16 -9.99 7.02
N LEU B 68 -1.47 -10.84 7.98
CA LEU B 68 -0.78 -10.89 9.29
C LEU B 68 0.22 -12.06 9.34
N GLU B 69 0.65 -12.56 8.17
CA GLU B 69 1.88 -13.37 8.00
C GLU B 69 2.40 -13.07 6.60
N PRO B 70 3.73 -13.07 6.36
CA PRO B 70 4.23 -12.84 5.02
C PRO B 70 3.64 -13.96 4.14
N SER B 71 2.76 -13.57 3.23
CA SER B 71 2.22 -14.45 2.17
C SER B 71 2.04 -13.63 0.89
N THR B 72 3.15 -13.05 0.46
CA THR B 72 3.26 -12.00 -0.56
C THR B 72 2.57 -12.45 -1.83
N ARG B 73 2.72 -13.70 -2.31
CA ARG B 73 2.12 -14.06 -3.63
C ARG B 73 0.59 -14.01 -3.59
N THR B 74 -0.05 -14.42 -2.48
CA THR B 74 -1.54 -14.47 -2.38
C THR B 74 -2.07 -13.04 -2.27
N ARG B 75 -1.40 -12.23 -1.46
CA ARG B 75 -1.72 -10.80 -1.23
C ARG B 75 -1.62 -10.06 -2.58
N CYS B 76 -0.49 -10.14 -3.27
CA CYS B 76 -0.28 -9.45 -4.57
C CYS B 76 -1.37 -9.92 -5.55
N SER B 77 -1.73 -11.20 -5.50
CA SER B 77 -2.79 -11.75 -6.35
C SER B 77 -4.11 -11.01 -6.06
N PHE B 78 -4.53 -10.99 -4.80
CA PHE B 78 -5.80 -10.40 -4.34
C PHE B 78 -5.83 -8.87 -4.66
N ASP B 79 -4.70 -8.19 -4.45
CA ASP B 79 -4.52 -6.75 -4.78
C ASP B 79 -4.69 -6.55 -6.29
N ALA B 80 -4.04 -7.37 -7.10
CA ALA B 80 -4.15 -7.26 -8.57
C ALA B 80 -5.63 -7.39 -8.97
N ALA B 81 -6.36 -8.36 -8.37
CA ALA B 81 -7.76 -8.66 -8.75
C ALA B 81 -8.63 -7.42 -8.44
N ILE B 82 -8.47 -6.86 -7.23
CA ILE B 82 -9.24 -5.72 -6.72
C ILE B 82 -8.99 -4.50 -7.63
N LEU B 83 -7.72 -4.28 -7.99
CA LEU B 83 -7.34 -3.12 -8.83
C LEU B 83 -7.85 -3.31 -10.25
N LYS B 84 -7.74 -4.52 -10.80
CA LYS B 84 -8.16 -4.80 -12.20
C LYS B 84 -9.69 -4.69 -12.34
N LEU B 85 -10.45 -5.04 -11.30
CA LEU B 85 -11.93 -4.89 -11.31
C LEU B 85 -12.31 -3.42 -11.25
N GLY B 86 -11.34 -2.55 -11.01
CA GLY B 86 -11.48 -1.10 -10.97
C GLY B 86 -11.84 -0.62 -9.59
N SER B 87 -11.62 -1.41 -8.55
CA SER B 87 -11.86 -1.01 -7.14
C SER B 87 -10.55 -0.57 -6.46
N LYS B 88 -10.64 -0.25 -5.16
CA LYS B 88 -9.50 0.28 -4.36
C LYS B 88 -9.28 -0.58 -3.11
N VAL B 89 -8.11 -0.46 -2.47
CA VAL B 89 -7.78 -1.28 -1.27
C VAL B 89 -6.85 -0.56 -0.30
N LEU B 90 -7.17 -0.53 1.01
CA LEU B 90 -6.20 -0.29 2.13
C LEU B 90 -5.51 -1.64 2.48
N ASN B 91 -4.19 -1.64 2.61
CA ASN B 91 -3.35 -2.86 2.85
C ASN B 91 -2.85 -2.79 4.29
N ILE B 92 -3.01 -3.89 5.03
CA ILE B 92 -2.18 -4.22 6.22
C ILE B 92 -1.30 -5.41 5.88
N THR B 93 -0.04 -5.32 6.29
CA THR B 93 1.11 -6.05 5.69
C THR B 93 2.25 -6.01 6.69
N ASP B 94 3.17 -6.99 6.64
CA ASP B 94 4.44 -7.05 7.44
C ASP B 94 4.10 -6.78 8.92
N MET B 95 2.89 -7.20 9.31
CA MET B 95 2.41 -7.23 10.72
C MET B 95 2.21 -8.72 11.03
N ASN B 96 2.21 -9.08 12.32
CA ASN B 96 1.67 -10.37 12.83
C ASN B 96 0.49 -10.04 13.73
N SER B 97 -0.31 -11.05 14.04
CA SER B 97 -1.50 -10.98 14.93
C SER B 97 -1.26 -9.99 16.08
N THR B 98 -0.08 -9.92 16.67
CA THR B 98 0.13 -9.21 17.96
C THR B 98 0.50 -7.73 17.72
N SER B 99 1.34 -7.38 16.74
CA SER B 99 1.71 -5.97 16.41
C SER B 99 0.47 -5.21 15.90
N PHE B 100 -0.37 -5.84 15.08
CA PHE B 100 -1.78 -5.43 14.81
C PHE B 100 -2.57 -5.99 15.99
N TYR B 101 -3.74 -5.45 16.31
CA TYR B 101 -4.51 -5.81 17.52
C TYR B 101 -3.82 -5.17 18.72
N LYS B 102 -2.50 -5.28 18.88
CA LYS B 102 -1.75 -4.72 20.05
C LYS B 102 -2.41 -5.23 21.35
N GLY B 103 -3.18 -4.41 22.07
CA GLY B 103 -4.09 -4.93 23.10
C GLY B 103 -5.32 -5.62 22.48
N GLU B 104 -5.99 -4.92 21.59
CA GLU B 104 -7.46 -4.99 21.28
C GLU B 104 -7.91 -6.42 20.97
N THR B 105 -9.14 -6.74 21.36
CA THR B 105 -9.91 -7.93 20.92
C THR B 105 -10.12 -7.88 19.40
N VAL B 106 -10.12 -9.05 18.74
CA VAL B 106 -10.33 -9.20 17.28
C VAL B 106 -11.76 -8.72 17.00
N GLU B 107 -12.71 -9.09 17.86
CA GLU B 107 -14.15 -8.74 17.73
C GLU B 107 -14.33 -7.20 17.61
N ASP B 108 -13.71 -6.41 18.49
CA ASP B 108 -13.74 -4.93 18.47
C ASP B 108 -13.10 -4.45 17.15
N ALA B 109 -11.87 -4.92 16.88
CA ALA B 109 -11.06 -4.56 15.69
C ALA B 109 -11.85 -4.83 14.40
N PHE B 110 -12.54 -5.96 14.27
CA PHE B 110 -13.34 -6.24 13.04
C PHE B 110 -14.68 -5.49 13.05
N LYS B 111 -15.27 -5.23 14.21
CA LYS B 111 -16.55 -4.48 14.30
C LYS B 111 -16.34 -3.07 13.73
N ILE B 112 -15.18 -2.49 14.06
CA ILE B 112 -14.77 -1.12 13.66
C ILE B 112 -14.32 -1.16 12.21
N LEU B 113 -13.36 -2.03 11.88
CA LEU B 113 -12.74 -2.00 10.54
C LEU B 113 -13.84 -2.11 9.48
N SER B 114 -14.82 -3.00 9.73
CA SER B 114 -15.90 -3.31 8.78
C SER B 114 -16.88 -2.12 8.58
N THR B 115 -16.85 -1.05 9.39
CA THR B 115 -17.72 0.15 9.15
C THR B 115 -17.06 1.03 8.06
N TYR B 116 -15.76 0.90 7.80
CA TYR B 116 -14.98 1.72 6.85
C TYR B 116 -15.00 1.18 5.41
N VAL B 117 -15.19 -0.13 5.22
CA VAL B 117 -14.84 -0.81 3.94
C VAL B 117 -16.02 -1.68 3.50
N ASP B 118 -16.03 -2.10 2.25
CA ASP B 118 -17.10 -2.96 1.69
C ASP B 118 -16.75 -4.42 1.97
N GLY B 119 -15.48 -4.79 1.99
CA GLY B 119 -15.13 -6.20 2.32
C GLY B 119 -13.69 -6.32 2.73
N ILE B 120 -13.37 -7.45 3.30
CA ILE B 120 -12.04 -7.70 3.89
C ILE B 120 -11.50 -9.03 3.33
N ILE B 121 -10.27 -8.99 2.81
CA ILE B 121 -9.44 -10.18 2.57
C ILE B 121 -8.56 -10.33 3.80
N TYR B 122 -8.62 -11.51 4.42
CA TYR B 122 -7.95 -11.76 5.72
C TYR B 122 -7.13 -13.05 5.62
N ARG B 123 -5.83 -12.90 5.82
CA ARG B 123 -4.90 -13.99 6.12
C ARG B 123 -4.31 -13.79 7.52
N ASP B 124 -4.38 -14.84 8.32
CA ASP B 124 -3.88 -14.93 9.72
C ASP B 124 -3.58 -16.40 10.01
N PRO B 125 -2.39 -16.74 10.53
CA PRO B 125 -2.09 -18.12 10.89
C PRO B 125 -3.18 -18.73 11.78
N SER B 126 -3.67 -17.98 12.76
CA SER B 126 -4.76 -18.37 13.71
C SER B 126 -6.06 -18.72 12.96
N LYS B 127 -6.43 -20.00 12.98
CA LYS B 127 -7.81 -20.52 12.74
C LYS B 127 -8.87 -19.68 13.47
N LYS B 128 -8.67 -19.47 14.78
CA LYS B 128 -9.64 -18.83 15.70
C LYS B 128 -9.99 -17.45 15.16
N ASN B 129 -8.96 -16.67 14.86
CA ASN B 129 -9.06 -15.21 14.58
C ASN B 129 -10.03 -14.99 13.41
N VAL B 130 -9.87 -15.77 12.34
CA VAL B 130 -10.70 -15.64 11.11
C VAL B 130 -12.15 -15.92 11.47
N ASP B 131 -12.41 -16.93 12.30
CA ASP B 131 -13.79 -17.28 12.71
C ASP B 131 -14.39 -16.11 13.50
N ILE B 132 -13.64 -15.56 14.45
CA ILE B 132 -14.09 -14.43 15.30
C ILE B 132 -14.42 -13.28 14.35
N ALA B 133 -13.52 -13.03 13.40
CA ALA B 133 -13.57 -11.91 12.42
C ALA B 133 -14.87 -11.97 11.65
N VAL B 134 -15.26 -13.16 11.17
CA VAL B 134 -16.54 -13.35 10.44
C VAL B 134 -17.70 -13.04 11.38
N SER B 135 -17.66 -13.51 12.62
CA SER B 135 -18.75 -13.32 13.60
C SER B 135 -18.98 -11.83 13.90
N SER B 136 -17.90 -11.02 13.95
CA SER B 136 -17.90 -9.60 14.41
C SER B 136 -18.04 -8.61 13.25
N SER B 137 -17.65 -9.00 12.04
CA SER B 137 -17.58 -8.13 10.86
C SER B 137 -19.00 -7.89 10.35
N SER B 138 -19.39 -6.66 10.10
CA SER B 138 -20.67 -6.36 9.40
C SER B 138 -20.47 -6.58 7.91
N LYS B 139 -19.28 -6.93 7.45
CA LYS B 139 -18.99 -6.95 5.99
C LYS B 139 -18.40 -8.29 5.64
N PRO B 140 -18.60 -8.78 4.42
CA PRO B 140 -18.03 -10.05 3.98
C PRO B 140 -16.50 -10.16 4.10
N ILE B 141 -16.03 -11.31 4.52
CA ILE B 141 -14.60 -11.68 4.60
C ILE B 141 -14.35 -12.82 3.60
N ILE B 142 -13.26 -12.70 2.87
CA ILE B 142 -12.65 -13.82 2.13
C ILE B 142 -11.39 -14.22 2.90
N ASN B 143 -11.35 -15.44 3.42
CA ASN B 143 -10.12 -16.07 3.98
C ASN B 143 -9.11 -16.26 2.84
N ALA B 144 -7.93 -15.66 2.98
CA ALA B 144 -6.79 -15.81 2.05
C ALA B 144 -5.81 -16.86 2.59
N GLY B 145 -6.14 -17.55 3.69
CA GLY B 145 -5.30 -18.64 4.25
C GLY B 145 -5.14 -18.55 5.75
N ASN B 146 -5.39 -19.65 6.48
CA ASN B 146 -5.23 -19.66 7.96
C ASN B 146 -4.53 -20.94 8.44
N GLY B 147 -4.67 -21.25 9.74
CA GLY B 147 -3.90 -22.29 10.47
C GLY B 147 -4.56 -23.66 10.49
N THR B 148 -5.87 -23.72 10.20
CA THR B 148 -6.62 -24.99 9.98
C THR B 148 -6.35 -25.50 8.56
N GLY B 149 -5.57 -24.78 7.74
CA GLY B 149 -5.30 -25.15 6.33
C GLY B 149 -6.44 -24.72 5.40
N GLU B 150 -7.46 -24.02 5.93
CA GLU B 150 -8.54 -23.46 5.09
C GLU B 150 -7.89 -22.37 4.22
N HIS B 151 -7.80 -22.60 2.91
CA HIS B 151 -7.31 -21.63 1.91
C HIS B 151 -8.19 -21.77 0.68
N PRO B 152 -9.47 -21.35 0.77
CA PRO B 152 -10.47 -21.64 -0.25
C PRO B 152 -10.11 -21.25 -1.68
N THR B 153 -9.51 -20.09 -1.89
CA THR B 153 -9.19 -19.55 -3.22
C THR B 153 -8.14 -20.42 -3.91
N GLN B 154 -7.29 -21.08 -3.13
CA GLN B 154 -6.28 -22.04 -3.69
C GLN B 154 -7.00 -23.27 -4.24
N SER B 155 -7.96 -23.82 -3.48
CA SER B 155 -8.85 -24.92 -3.93
C SER B 155 -9.51 -24.54 -5.25
N LEU B 156 -10.14 -23.37 -5.32
CA LEU B 156 -10.95 -22.95 -6.50
C LEU B 156 -10.06 -22.83 -7.74
N LEU B 157 -8.90 -22.16 -7.63
CA LEU B 157 -7.99 -22.01 -8.79
C LEU B 157 -7.32 -23.36 -9.13
N ASP B 158 -7.03 -24.21 -8.13
CA ASP B 158 -6.55 -25.60 -8.33
C ASP B 158 -7.59 -26.37 -9.16
N PHE B 159 -8.83 -26.36 -8.71
CA PHE B 159 -9.98 -27.00 -9.38
C PHE B 159 -10.22 -26.31 -10.72
N TYR B 160 -10.08 -24.98 -10.82
CA TYR B 160 -10.30 -24.27 -12.12
C TYR B 160 -9.35 -24.85 -13.17
N THR B 161 -8.09 -24.91 -12.82
CA THR B 161 -7.00 -25.37 -13.70
C THR B 161 -7.30 -26.80 -14.18
N ILE B 162 -7.64 -27.70 -13.27
CA ILE B 162 -8.05 -29.08 -13.62
C ILE B 162 -9.22 -29.02 -14.61
N HIS B 163 -10.29 -28.33 -14.25
CA HIS B 163 -11.54 -28.27 -15.07
C HIS B 163 -11.23 -27.86 -16.51
N ASN B 164 -10.28 -26.95 -16.73
CA ASN B 164 -9.90 -26.50 -18.10
C ASN B 164 -9.32 -27.65 -18.94
N TYR B 165 -8.56 -28.58 -18.36
CA TYR B 165 -7.92 -29.73 -19.09
C TYR B 165 -8.82 -30.97 -19.10
N PHE B 166 -9.80 -31.08 -18.18
CA PHE B 166 -10.64 -32.29 -17.98
C PHE B 166 -12.04 -31.91 -17.48
N PRO B 167 -12.84 -31.21 -18.32
CA PRO B 167 -14.14 -30.67 -17.86
C PRO B 167 -15.20 -31.70 -17.43
N PHE B 168 -14.92 -32.99 -17.53
CA PHE B 168 -15.87 -34.09 -17.18
C PHE B 168 -15.84 -34.40 -15.68
N ILE B 169 -14.90 -33.82 -14.92
CA ILE B 169 -15.02 -33.82 -13.42
C ILE B 169 -16.41 -33.29 -13.06
N LEU B 170 -16.90 -32.24 -13.74
CA LEU B 170 -18.20 -31.58 -13.43
C LEU B 170 -19.40 -32.43 -13.85
N ASP B 171 -19.24 -33.37 -14.78
CA ASP B 171 -20.35 -34.21 -15.33
C ASP B 171 -20.82 -35.26 -14.31
N ARG B 172 -20.02 -35.63 -13.30
CA ARG B 172 -20.29 -36.70 -12.30
C ARG B 172 -20.90 -37.93 -12.99
N ASN B 173 -20.19 -38.39 -14.02
CA ASN B 173 -20.60 -39.49 -14.93
C ASN B 173 -19.83 -40.75 -14.54
N ILE B 174 -20.52 -41.86 -14.29
CA ILE B 174 -19.94 -43.10 -13.68
C ILE B 174 -18.76 -43.59 -14.55
N ASN B 175 -18.82 -43.30 -15.87
CA ASN B 175 -17.83 -43.74 -16.87
C ASN B 175 -16.81 -42.66 -17.23
N LYS B 176 -16.87 -41.47 -16.67
CA LYS B 176 -15.85 -40.41 -16.88
C LYS B 176 -15.32 -40.01 -15.51
N LYS B 177 -14.40 -40.85 -15.02
CA LYS B 177 -13.64 -40.70 -13.75
C LYS B 177 -12.30 -40.02 -14.05
N LEU B 178 -11.95 -39.02 -13.24
CA LEU B 178 -10.59 -38.41 -13.16
C LEU B 178 -9.75 -39.14 -12.11
N ASN B 179 -8.49 -39.43 -12.44
CA ASN B 179 -7.50 -39.98 -11.47
C ASN B 179 -6.43 -38.91 -11.27
N ILE B 180 -6.05 -38.68 -10.02
CA ILE B 180 -5.03 -37.66 -9.66
C ILE B 180 -4.06 -38.27 -8.64
N ALA B 181 -2.78 -37.93 -8.80
CA ALA B 181 -1.68 -38.21 -7.87
C ALA B 181 -1.31 -36.91 -7.16
N PHE B 182 -1.54 -36.85 -5.85
CA PHE B 182 -0.87 -35.92 -4.91
C PHE B 182 0.45 -36.56 -4.43
N VAL B 183 1.57 -35.82 -4.52
CA VAL B 183 2.97 -36.27 -4.32
C VAL B 183 3.70 -35.32 -3.36
N GLY B 184 4.42 -35.91 -2.39
CA GLY B 184 5.30 -35.17 -1.49
C GLY B 184 4.73 -35.13 -0.09
N ASP B 185 4.84 -34.01 0.60
CA ASP B 185 4.40 -33.87 2.01
C ASP B 185 2.87 -33.84 2.07
N LEU B 186 2.25 -35.00 2.29
CA LEU B 186 0.77 -35.14 2.34
C LEU B 186 0.28 -34.90 3.77
N LYS B 187 1.17 -34.99 4.77
CA LYS B 187 0.78 -34.74 6.19
C LYS B 187 0.47 -33.27 6.37
N ASN B 188 1.35 -32.39 5.87
CA ASN B 188 1.34 -30.93 6.11
C ASN B 188 0.88 -30.12 4.89
N GLY B 189 0.87 -30.71 3.70
CA GLY B 189 0.34 -30.05 2.47
C GLY B 189 -1.16 -29.86 2.61
N ARG B 190 -1.58 -28.83 3.34
CA ARG B 190 -3.00 -28.61 3.66
C ARG B 190 -3.70 -28.13 2.38
N THR B 191 -2.91 -27.83 1.36
CA THR B 191 -3.41 -27.55 -0.01
C THR B 191 -4.00 -28.83 -0.62
N VAL B 192 -3.39 -29.96 -0.31
CA VAL B 192 -3.84 -31.33 -0.69
C VAL B 192 -5.20 -31.58 -0.01
N HIS B 193 -5.30 -31.26 1.28
CA HIS B 193 -6.49 -31.57 2.11
C HIS B 193 -7.71 -30.83 1.56
N SER B 194 -7.56 -29.51 1.42
CA SER B 194 -8.63 -28.63 0.88
C SER B 194 -9.12 -29.15 -0.48
N LEU B 195 -8.20 -29.48 -1.38
CA LEU B 195 -8.51 -29.91 -2.78
C LEU B 195 -9.09 -31.32 -2.79
N SER B 196 -8.46 -32.26 -2.08
CA SER B 196 -8.99 -33.63 -1.83
C SER B 196 -10.46 -33.55 -1.47
N LYS B 197 -10.80 -32.65 -0.54
CA LYS B 197 -12.19 -32.42 -0.07
C LYS B 197 -13.09 -31.98 -1.24
N LEU B 198 -12.65 -31.03 -2.05
CA LEU B 198 -13.43 -30.52 -3.19
C LEU B 198 -13.57 -31.62 -4.26
N LEU B 199 -12.48 -32.34 -4.56
CA LEU B 199 -12.46 -33.38 -5.65
C LEU B 199 -13.42 -34.52 -5.31
N SER B 200 -13.43 -34.99 -4.05
CA SER B 200 -14.16 -36.22 -3.64
C SER B 200 -15.68 -36.03 -3.78
N ARG B 201 -16.11 -34.82 -4.13
CA ARG B 201 -17.52 -34.45 -4.40
C ARG B 201 -17.88 -34.91 -5.81
N TYR B 202 -16.84 -35.26 -6.61
CA TYR B 202 -16.97 -35.66 -8.05
C TYR B 202 -16.44 -37.10 -8.23
N ASN B 203 -16.49 -37.60 -9.47
CA ASN B 203 -16.02 -38.97 -9.80
C ASN B 203 -14.51 -38.91 -9.98
N VAL B 204 -13.78 -39.16 -8.90
CA VAL B 204 -12.30 -38.97 -8.83
C VAL B 204 -11.66 -40.13 -8.04
N SER B 205 -10.46 -40.52 -8.45
CA SER B 205 -9.62 -41.50 -7.75
C SER B 205 -8.28 -40.86 -7.39
N PHE B 206 -7.70 -41.32 -6.27
CA PHE B 206 -6.53 -40.70 -5.60
C PHE B 206 -5.40 -41.72 -5.45
N ASN B 207 -4.23 -41.35 -5.96
CA ASN B 207 -2.91 -41.96 -5.64
C ASN B 207 -2.18 -41.01 -4.69
N PHE B 208 -2.08 -41.34 -3.41
CA PHE B 208 -1.26 -40.63 -2.40
C PHE B 208 0.17 -41.18 -2.41
N VAL B 209 1.09 -40.42 -2.98
CA VAL B 209 2.53 -40.75 -3.15
C VAL B 209 3.30 -40.00 -2.07
N SER B 210 3.82 -40.71 -1.06
CA SER B 210 4.42 -40.08 0.13
C SER B 210 5.50 -41.01 0.69
N CYS B 211 6.28 -40.47 1.63
CA CYS B 211 7.15 -41.22 2.56
C CYS B 211 6.33 -41.52 3.81
N LYS B 212 6.61 -42.61 4.52
CA LYS B 212 5.77 -43.11 5.64
C LYS B 212 5.37 -41.94 6.56
N SER B 213 6.35 -41.18 7.07
CA SER B 213 6.18 -40.03 8.01
C SER B 213 5.25 -38.96 7.44
N LEU B 214 5.09 -38.89 6.11
CA LEU B 214 4.30 -37.82 5.42
C LEU B 214 3.09 -38.42 4.69
N ASN B 215 2.60 -39.58 5.12
CA ASN B 215 1.35 -40.20 4.60
C ASN B 215 0.22 -39.19 4.83
N ILE B 216 -0.82 -39.26 4.00
CA ILE B 216 -2.05 -38.42 4.12
C ILE B 216 -2.69 -38.75 5.47
N PRO B 217 -3.29 -37.78 6.18
CA PRO B 217 -3.98 -38.05 7.44
C PRO B 217 -5.25 -38.90 7.24
N LYS B 218 -5.61 -39.73 8.23
CA LYS B 218 -6.78 -40.63 8.17
C LYS B 218 -8.07 -39.79 8.02
N ASP B 219 -8.18 -38.67 8.75
CA ASP B 219 -9.46 -37.90 8.77
C ASP B 219 -9.78 -37.38 7.37
N ILE B 220 -8.76 -37.09 6.52
CA ILE B 220 -8.95 -36.66 5.10
C ILE B 220 -9.42 -37.87 4.30
N VAL B 221 -8.80 -39.01 4.50
CA VAL B 221 -9.17 -40.26 3.78
C VAL B 221 -10.64 -40.54 4.07
N ASN B 222 -11.11 -40.27 5.30
CA ASN B 222 -12.48 -40.60 5.76
C ASN B 222 -13.51 -39.68 5.09
N THR B 223 -13.14 -38.41 4.90
CA THR B 223 -13.94 -37.39 4.19
C THR B 223 -14.04 -37.77 2.71
N ILE B 224 -12.92 -38.12 2.10
CA ILE B 224 -12.88 -38.58 0.68
C ILE B 224 -13.86 -39.75 0.55
N THR B 225 -13.61 -40.81 1.34
CA THR B 225 -14.42 -42.06 1.38
C THR B 225 -15.90 -41.68 1.56
N TYR B 226 -16.18 -40.84 2.56
CA TYR B 226 -17.57 -40.44 2.86
C TYR B 226 -18.20 -39.82 1.60
N ASN B 227 -17.50 -38.87 0.97
CA ASN B 227 -18.02 -38.02 -0.14
C ASN B 227 -18.14 -38.80 -1.46
N LEU B 228 -17.20 -39.73 -1.69
CA LEU B 228 -17.25 -40.63 -2.86
C LEU B 228 -18.52 -41.49 -2.74
N LYS B 229 -18.69 -42.19 -1.61
CA LYS B 229 -19.88 -43.02 -1.30
C LYS B 229 -21.15 -42.19 -1.55
N LYS B 230 -21.21 -40.95 -1.04
CA LYS B 230 -22.42 -40.12 -1.18
C LYS B 230 -22.89 -40.10 -2.64
N ASN B 231 -21.99 -40.08 -3.64
CA ASN B 231 -22.37 -40.01 -5.08
C ASN B 231 -22.12 -41.34 -5.80
N ASN B 232 -21.90 -42.44 -5.06
CA ASN B 232 -21.77 -43.82 -5.60
C ASN B 232 -20.62 -43.88 -6.60
N PHE B 233 -19.46 -43.33 -6.23
CA PHE B 233 -18.22 -43.32 -7.01
C PHE B 233 -17.10 -43.96 -6.19
N TYR B 234 -17.42 -44.57 -5.05
CA TYR B 234 -16.41 -45.19 -4.17
C TYR B 234 -16.21 -46.63 -4.62
N SER B 235 -14.96 -47.08 -4.62
CA SER B 235 -14.54 -48.51 -4.70
C SER B 235 -13.30 -48.69 -3.82
N ASP B 236 -12.74 -49.91 -3.81
CA ASP B 236 -11.52 -50.24 -3.04
C ASP B 236 -10.30 -49.80 -3.86
N ASP B 237 -10.50 -49.44 -5.14
CA ASP B 237 -9.46 -48.85 -6.03
C ASP B 237 -9.66 -47.32 -6.19
N SER B 238 -10.38 -46.68 -5.26
CA SER B 238 -10.67 -45.21 -5.24
C SER B 238 -9.47 -44.48 -4.66
N ILE B 239 -8.82 -45.11 -3.69
CA ILE B 239 -7.68 -44.53 -2.94
C ILE B 239 -6.59 -45.60 -2.92
N LYS B 240 -5.44 -45.29 -3.51
CA LYS B 240 -4.26 -46.18 -3.54
C LYS B 240 -3.08 -45.39 -2.98
N TYR B 241 -2.24 -46.04 -2.19
CA TYR B 241 -1.03 -45.46 -1.55
C TYR B 241 0.18 -45.99 -2.30
N PHE B 242 1.19 -45.15 -2.48
CA PHE B 242 2.48 -45.48 -3.11
C PHE B 242 3.59 -44.77 -2.37
N ASP B 243 4.76 -45.28 -2.58
CA ASP B 243 6.02 -45.00 -1.88
C ASP B 243 6.99 -44.38 -2.90
N ASN B 244 6.62 -44.41 -4.18
CA ASN B 244 7.52 -44.29 -5.37
C ASN B 244 6.70 -43.66 -6.51
N LEU B 245 7.35 -43.01 -7.46
CA LEU B 245 6.71 -42.27 -8.58
C LEU B 245 6.25 -43.24 -9.67
N GLU B 246 7.03 -44.30 -9.86
CA GLU B 246 6.92 -45.29 -10.95
C GLU B 246 5.49 -45.80 -10.92
N GLU B 247 5.00 -46.23 -9.75
CA GLU B 247 3.63 -46.78 -9.54
C GLU B 247 2.69 -45.58 -9.40
N GLY B 248 3.12 -44.56 -8.67
CA GLY B 248 2.34 -43.36 -8.36
C GLY B 248 1.73 -42.72 -9.59
N LEU B 249 2.56 -42.50 -10.61
CA LEU B 249 2.25 -41.59 -11.74
C LEU B 249 1.47 -42.35 -12.83
N GLU B 250 1.14 -43.63 -12.57
CA GLU B 250 0.74 -44.62 -13.60
C GLU B 250 -0.36 -44.04 -14.48
N ASP B 251 -1.62 -44.09 -14.09
CA ASP B 251 -2.73 -43.75 -15.02
C ASP B 251 -3.42 -42.47 -14.53
N VAL B 252 -2.66 -41.44 -14.16
CA VAL B 252 -3.23 -40.25 -13.46
C VAL B 252 -3.33 -39.10 -14.47
N HIS B 253 -4.51 -38.51 -14.61
CA HIS B 253 -4.76 -37.33 -15.48
C HIS B 253 -4.08 -36.10 -14.90
N ILE B 254 -3.98 -36.00 -13.58
CA ILE B 254 -3.33 -34.84 -12.90
C ILE B 254 -2.24 -35.36 -11.96
N ILE B 255 -1.05 -34.79 -12.06
CA ILE B 255 -0.02 -34.87 -10.99
C ILE B 255 0.03 -33.54 -10.25
N TYR B 256 -0.42 -33.51 -9.00
CA TYR B 256 -0.28 -32.36 -8.07
C TYR B 256 0.92 -32.62 -7.17
N MET B 257 2.00 -31.86 -7.36
CA MET B 257 3.17 -31.83 -6.46
C MET B 257 2.86 -30.87 -5.31
N THR B 258 3.18 -31.26 -4.08
CA THR B 258 3.02 -30.42 -2.88
C THR B 258 4.30 -29.64 -2.65
N ARG B 259 4.24 -28.61 -1.84
CA ARG B 259 5.50 -27.98 -1.37
C ARG B 259 6.14 -28.88 -0.30
N ILE B 260 7.41 -28.63 0.01
CA ILE B 260 8.10 -29.17 1.20
C ILE B 260 8.75 -27.98 1.89
N GLN B 261 8.21 -27.58 3.03
CA GLN B 261 8.55 -26.32 3.72
C GLN B 261 9.47 -26.68 4.88
N LYS B 262 10.73 -26.24 4.86
CA LYS B 262 11.72 -26.44 5.94
C LYS B 262 11.01 -26.42 7.30
N GLU B 263 10.07 -25.47 7.49
CA GLU B 263 9.21 -25.37 8.71
C GLU B 263 8.09 -26.41 8.55
N ARG B 264 7.57 -26.92 9.68
CA ARG B 264 6.77 -28.18 9.76
C ARG B 264 7.74 -29.32 10.14
N PHE B 265 9.05 -29.13 9.97
CA PHE B 265 10.09 -30.15 10.23
C PHE B 265 10.88 -29.73 11.47
N THR B 266 10.75 -30.53 12.54
CA THR B 266 11.40 -30.37 13.86
C THR B 266 12.74 -29.63 13.69
N ASP B 267 13.52 -30.11 12.71
CA ASP B 267 14.95 -29.81 12.50
C ASP B 267 15.29 -29.98 11.02
N VAL B 268 16.38 -29.32 10.59
CA VAL B 268 16.90 -29.24 9.19
C VAL B 268 17.12 -30.66 8.61
N ASP B 269 17.56 -31.59 9.47
CA ASP B 269 17.90 -32.99 9.10
C ASP B 269 16.67 -33.76 8.56
N GLU B 270 15.49 -33.48 9.11
CA GLU B 270 14.22 -34.17 8.79
C GLU B 270 13.78 -33.83 7.34
N TYR B 271 13.84 -32.56 6.92
CA TYR B 271 13.66 -32.02 5.53
C TYR B 271 14.21 -32.95 4.41
N ASN B 272 15.41 -33.54 4.58
CA ASN B 272 16.21 -34.11 3.46
C ASN B 272 15.87 -35.61 3.34
N ASN B 276 12.79 -34.54 0.27
CA ASN B 276 13.32 -34.32 -1.12
C ASN B 276 13.60 -35.65 -1.82
N ALA B 277 12.57 -36.52 -1.76
CA ALA B 277 12.43 -37.94 -2.15
C ALA B 277 11.76 -38.09 -3.51
N PHE B 278 10.86 -37.15 -3.88
CA PHE B 278 10.03 -37.21 -5.11
C PHE B 278 10.30 -35.96 -5.95
N ILE B 279 11.21 -36.09 -6.91
CA ILE B 279 11.67 -35.00 -7.79
C ILE B 279 11.22 -35.35 -9.21
N LEU B 280 10.28 -34.56 -9.72
CA LEU B 280 9.69 -34.75 -11.05
C LEU B 280 10.71 -34.24 -12.07
N SER B 281 11.10 -35.12 -12.99
CA SER B 281 12.06 -34.91 -14.09
C SER B 281 11.35 -35.29 -15.39
N ASN B 282 11.98 -35.05 -16.54
CA ASN B 282 11.46 -35.57 -17.84
C ASN B 282 11.51 -37.10 -17.85
N LYS B 283 12.51 -37.69 -17.17
CA LYS B 283 12.66 -39.16 -16.99
C LYS B 283 11.36 -39.74 -16.41
N THR B 284 11.00 -39.29 -15.20
CA THR B 284 9.86 -39.78 -14.37
C THR B 284 8.51 -39.51 -15.06
N LEU B 285 8.46 -38.68 -16.11
CA LEU B 285 7.19 -38.32 -16.82
C LEU B 285 7.02 -39.18 -18.08
N GLU B 286 7.94 -40.11 -18.34
CA GLU B 286 7.96 -41.03 -19.51
C GLU B 286 6.73 -41.98 -19.49
N ASN B 287 6.38 -42.55 -18.34
CA ASN B 287 5.27 -43.54 -18.26
C ASN B 287 4.08 -42.91 -17.55
N THR B 288 3.69 -41.71 -17.98
CA THR B 288 2.42 -41.03 -17.62
C THR B 288 1.51 -41.05 -18.85
N ARG B 289 0.21 -40.83 -18.65
CA ARG B 289 -0.74 -40.64 -19.76
C ARG B 289 -0.20 -39.49 -20.62
N ASP B 290 -0.63 -39.42 -21.87
CA ASP B 290 -0.19 -38.34 -22.80
C ASP B 290 -0.85 -37.05 -22.33
N ASP B 291 -2.07 -37.13 -21.83
CA ASP B 291 -2.87 -35.94 -21.45
C ASP B 291 -2.47 -35.42 -20.06
N THR B 292 -1.71 -36.16 -19.25
CA THR B 292 -1.40 -35.78 -17.85
C THR B 292 -0.91 -34.33 -17.81
N LYS B 293 -1.39 -33.56 -16.84
CA LYS B 293 -0.89 -32.20 -16.56
C LYS B 293 -0.36 -32.16 -15.13
N ILE B 294 0.67 -31.36 -14.91
CA ILE B 294 1.37 -31.21 -13.61
C ILE B 294 1.03 -29.84 -13.03
N LEU B 295 0.47 -29.87 -11.80
CA LEU B 295 0.13 -28.72 -10.93
C LEU B 295 1.09 -28.66 -9.75
N HIS B 296 1.22 -27.50 -9.14
CA HIS B 296 2.07 -27.23 -7.96
C HIS B 296 1.68 -25.86 -7.46
N PRO B 297 1.22 -25.75 -6.19
CA PRO B 297 0.67 -24.51 -5.69
C PRO B 297 1.72 -23.37 -5.71
N LEU B 298 3.00 -23.75 -5.64
CA LEU B 298 4.22 -22.89 -5.68
C LEU B 298 4.33 -22.12 -4.37
N PRO B 299 5.55 -21.70 -3.97
CA PRO B 299 6.77 -21.90 -4.76
C PRO B 299 7.38 -23.31 -4.69
N ARG B 300 7.98 -23.74 -5.79
CA ARG B 300 8.82 -24.96 -5.83
C ARG B 300 10.20 -24.67 -5.23
N VAL B 301 10.84 -25.72 -4.68
CA VAL B 301 12.30 -25.78 -4.40
C VAL B 301 12.73 -27.22 -4.72
N ASN B 302 13.07 -27.55 -5.95
CA ASN B 302 13.78 -28.84 -6.27
C ASN B 302 12.84 -30.01 -6.64
N GLU B 303 11.61 -30.04 -6.13
CA GLU B 303 10.61 -31.12 -6.40
C GLU B 303 10.21 -31.15 -7.89
N ILE B 304 10.22 -30.01 -8.61
CA ILE B 304 10.13 -30.01 -10.10
C ILE B 304 11.37 -29.34 -10.68
N LYS B 305 12.09 -30.05 -11.55
CA LYS B 305 13.33 -29.61 -12.25
C LYS B 305 12.95 -28.63 -13.36
N VAL B 306 13.83 -27.66 -13.63
CA VAL B 306 13.63 -26.56 -14.61
C VAL B 306 13.33 -27.18 -15.98
N GLU B 307 13.94 -28.35 -16.30
CA GLU B 307 13.76 -29.01 -17.62
C GLU B 307 12.25 -29.24 -17.86
N VAL B 308 11.47 -29.52 -16.81
CA VAL B 308 10.02 -29.88 -16.92
C VAL B 308 9.19 -28.69 -17.37
N ASP B 309 9.68 -27.47 -17.16
CA ASP B 309 8.96 -26.21 -17.50
C ASP B 309 8.66 -26.18 -19.01
N SER B 310 9.53 -26.79 -19.82
CA SER B 310 9.45 -26.86 -21.30
C SER B 310 8.45 -27.93 -21.73
N ASN B 311 8.38 -29.00 -20.94
CA ASN B 311 7.52 -30.18 -21.18
C ASN B 311 6.07 -29.71 -21.19
N PRO B 312 5.30 -29.92 -22.30
CA PRO B 312 3.96 -29.34 -22.43
C PRO B 312 2.93 -29.86 -21.41
N LYS B 313 3.27 -30.91 -20.66
CA LYS B 313 2.43 -31.44 -19.56
C LYS B 313 2.40 -30.46 -18.37
N SER B 314 3.45 -29.66 -18.17
CA SER B 314 3.54 -28.71 -17.04
C SER B 314 2.59 -27.53 -17.28
N VAL B 315 1.77 -27.19 -16.27
CA VAL B 315 0.82 -26.04 -16.28
C VAL B 315 0.85 -25.31 -14.94
N TYR B 316 1.86 -25.49 -14.11
CA TYR B 316 1.86 -24.92 -12.74
C TYR B 316 1.94 -23.39 -12.80
N PHE B 317 2.47 -22.83 -13.89
CA PHE B 317 2.59 -21.35 -14.07
C PHE B 317 1.23 -20.81 -14.51
N THR B 318 0.53 -21.53 -15.37
CA THR B 318 -0.86 -21.20 -15.77
C THR B 318 -1.76 -21.26 -14.56
N GLN B 319 -1.46 -22.17 -13.66
CA GLN B 319 -2.25 -22.42 -12.44
C GLN B 319 -2.14 -21.20 -11.56
N ALA B 320 -0.94 -20.69 -11.31
CA ALA B 320 -0.74 -19.46 -10.50
C ALA B 320 -1.49 -18.28 -11.20
N GLU B 321 -1.33 -18.15 -12.51
CA GLU B 321 -1.97 -17.11 -13.31
C GLU B 321 -3.49 -17.20 -13.12
N ASN B 322 -4.04 -18.41 -13.06
CA ASN B 322 -5.51 -18.61 -12.96
C ASN B 322 -6.06 -17.93 -11.68
N GLY B 323 -5.26 -17.81 -10.64
CA GLY B 323 -5.67 -17.25 -9.34
C GLY B 323 -6.13 -15.83 -9.52
N LEU B 324 -5.58 -15.07 -10.46
CA LEU B 324 -6.07 -13.70 -10.72
C LEU B 324 -7.54 -13.79 -11.14
N TYR B 325 -7.83 -14.61 -12.15
CA TYR B 325 -9.16 -14.83 -12.77
C TYR B 325 -10.15 -15.35 -11.75
N VAL B 326 -9.75 -16.30 -10.93
CA VAL B 326 -10.63 -16.86 -9.89
C VAL B 326 -10.91 -15.78 -8.83
N ARG B 327 -9.88 -15.07 -8.37
CA ARG B 327 -10.08 -14.05 -7.30
C ARG B 327 -10.98 -12.91 -7.84
N MET B 328 -10.92 -12.61 -9.13
CA MET B 328 -11.74 -11.53 -9.74
C MET B 328 -13.21 -11.95 -9.76
N ALA B 329 -13.45 -13.15 -10.29
CA ALA B 329 -14.72 -13.88 -10.26
C ALA B 329 -15.32 -13.81 -8.86
N LEU B 330 -14.58 -14.23 -7.86
CA LEU B 330 -15.12 -14.41 -6.50
C LEU B 330 -15.53 -13.05 -5.93
N LEU B 331 -14.68 -12.02 -6.11
CA LEU B 331 -14.97 -10.64 -5.65
C LEU B 331 -16.20 -10.12 -6.38
N TYR B 332 -16.25 -10.30 -7.71
CA TYR B 332 -17.37 -9.80 -8.53
C TYR B 332 -18.68 -10.45 -8.07
N LEU B 333 -18.69 -11.76 -7.87
CA LEU B 333 -19.89 -12.54 -7.47
C LEU B 333 -20.39 -12.06 -6.10
N ILE B 334 -19.49 -11.69 -5.21
CA ILE B 334 -19.83 -11.47 -3.77
C ILE B 334 -20.20 -10.00 -3.53
N PHE B 335 -19.53 -9.05 -4.17
CA PHE B 335 -19.54 -7.61 -3.79
C PHE B 335 -20.30 -6.74 -4.81
N SER B 336 -20.53 -7.23 -6.02
CA SER B 336 -21.11 -6.40 -7.09
C SER B 336 -22.52 -6.06 -6.62
N SER B 337 -22.83 -4.76 -6.54
CA SER B 337 -24.17 -4.30 -6.11
C SER B 337 -25.15 -4.81 -7.17
N THR B 338 -26.23 -5.49 -6.79
CA THR B 338 -27.34 -6.00 -7.68
C THR B 338 -27.00 -5.91 -9.20
N SER B 339 -25.81 -6.38 -9.65
CA SER B 339 -25.22 -6.16 -11.01
C SER B 339 -25.52 -7.32 -11.99
N SER B 340 -25.44 -6.99 -13.29
CA SER B 340 -25.82 -7.85 -14.45
C SER B 340 -25.11 -7.38 -15.73
N ALA B 341 -23.79 -7.09 -15.66
CA ALA B 341 -22.91 -6.75 -16.82
C ALA B 341 -21.69 -7.67 -16.80
N TYR C 8 8.01 19.25 -33.83
CA TYR C 8 8.92 20.12 -33.04
C TYR C 8 10.36 19.87 -33.51
N LYS C 9 10.83 18.62 -33.37
CA LYS C 9 12.21 18.18 -33.73
C LYS C 9 12.16 16.82 -34.46
N ILE C 10 11.52 15.80 -33.89
CA ILE C 10 11.52 14.38 -34.41
C ILE C 10 10.10 13.79 -34.36
N ASP C 11 9.83 12.77 -35.19
CA ASP C 11 8.49 12.24 -35.58
C ASP C 11 7.54 12.04 -34.38
N LEU C 12 7.91 11.26 -33.35
CA LEU C 12 7.01 10.83 -32.24
C LEU C 12 5.92 9.92 -32.81
N ASP C 13 5.20 9.17 -31.97
CA ASP C 13 4.04 8.33 -32.38
C ASP C 13 4.50 7.15 -33.22
N LYS C 14 5.65 7.24 -33.91
CA LYS C 14 6.47 6.05 -34.31
C LYS C 14 7.60 5.87 -33.30
N ILE C 15 8.02 6.93 -32.56
CA ILE C 15 8.92 6.80 -31.38
C ILE C 15 8.12 6.13 -30.25
N MET C 16 6.85 6.52 -30.02
CA MET C 16 5.95 5.78 -29.10
C MET C 16 5.92 4.29 -29.47
N THR C 17 5.71 3.97 -30.75
CA THR C 17 5.70 2.57 -31.25
C THR C 17 7.02 1.89 -30.89
N LYS C 18 8.14 2.61 -30.97
CA LYS C 18 9.49 2.07 -30.66
C LYS C 18 9.60 1.79 -29.17
N MET C 19 8.95 2.57 -28.30
CA MET C 19 9.12 2.48 -26.82
C MET C 19 8.08 1.55 -26.18
N LYS C 20 6.97 1.27 -26.85
CA LYS C 20 5.86 0.44 -26.32
C LYS C 20 6.45 -0.89 -25.82
N ASN C 21 6.27 -1.19 -24.53
CA ASN C 21 6.65 -2.51 -23.94
C ASN C 21 8.18 -2.62 -23.81
N LYS C 22 8.87 -1.48 -23.86
CA LYS C 22 10.34 -1.43 -23.72
C LYS C 22 10.67 -1.53 -22.23
N SER C 23 11.68 -2.29 -21.87
CA SER C 23 12.23 -2.29 -20.50
C SER C 23 13.30 -1.21 -20.44
N VAL C 24 13.34 -0.44 -19.37
CA VAL C 24 14.41 0.57 -19.17
C VAL C 24 15.25 0.16 -17.96
N ILE C 25 16.43 -0.40 -18.22
CA ILE C 25 17.34 -0.94 -17.17
C ILE C 25 18.56 -0.02 -17.05
N ASN C 26 19.10 0.41 -18.19
CA ASN C 26 20.31 1.25 -18.26
C ASN C 26 20.03 2.44 -19.16
N ILE C 27 20.65 3.59 -18.93
CA ILE C 27 20.50 4.80 -19.80
C ILE C 27 20.90 4.50 -21.25
N ASP C 28 21.76 3.49 -21.48
CA ASP C 28 22.16 3.00 -22.83
C ASP C 28 20.98 2.32 -23.56
N ASP C 29 19.91 1.94 -22.86
CA ASP C 29 18.68 1.37 -23.49
C ASP C 29 17.89 2.50 -24.16
N VAL C 30 18.27 3.75 -23.91
CA VAL C 30 17.54 4.95 -24.41
C VAL C 30 18.39 5.63 -25.46
N ASP C 31 17.89 5.69 -26.70
CA ASP C 31 18.63 6.25 -27.85
C ASP C 31 18.21 7.73 -28.01
N ASP C 32 18.77 8.40 -29.02
CA ASP C 32 18.64 9.88 -29.17
C ASP C 32 17.17 10.25 -29.32
N GLU C 33 16.39 9.55 -30.18
CA GLU C 33 14.96 9.85 -30.43
C GLU C 33 14.15 9.66 -29.14
N GLU C 34 14.39 8.56 -28.44
CA GLU C 34 13.63 8.20 -27.21
C GLU C 34 13.88 9.30 -26.18
N LEU C 35 15.14 9.73 -26.00
CA LEU C 35 15.47 10.81 -25.05
C LEU C 35 14.62 12.05 -25.36
N LEU C 36 14.44 12.36 -26.65
CA LEU C 36 13.73 13.58 -27.12
C LEU C 36 12.24 13.45 -26.79
N ALA C 37 11.63 12.30 -27.05
CA ALA C 37 10.22 12.01 -26.67
C ALA C 37 10.06 12.21 -25.16
N ILE C 38 10.94 11.62 -24.38
CA ILE C 38 10.91 11.67 -22.90
C ILE C 38 10.96 13.14 -22.48
N LEU C 39 12.01 13.87 -22.90
CA LEU C 39 12.24 15.30 -22.52
C LEU C 39 11.06 16.17 -22.95
N TYR C 40 10.49 15.86 -24.11
CA TYR C 40 9.31 16.59 -24.66
C TYR C 40 8.08 16.24 -23.82
N THR C 41 7.78 14.95 -23.64
CA THR C 41 6.63 14.45 -22.82
C THR C 41 6.74 14.96 -21.37
N SER C 42 7.93 14.91 -20.77
CA SER C 42 8.19 15.40 -19.39
C SER C 42 7.75 16.86 -19.26
N LYS C 43 8.04 17.66 -20.29
CA LYS C 43 7.75 19.12 -20.31
C LYS C 43 6.23 19.29 -20.43
N GLN C 44 5.54 18.40 -21.14
CA GLN C 44 4.08 18.47 -21.31
C GLN C 44 3.39 18.23 -19.95
N PHE C 45 3.86 17.21 -19.20
CA PHE C 45 3.32 16.85 -17.87
C PHE C 45 3.66 17.96 -16.86
N GLU C 46 4.82 18.60 -16.98
CA GLU C 46 5.17 19.78 -16.13
C GLU C 46 4.08 20.87 -16.24
N LYS C 47 3.71 21.27 -17.45
CA LYS C 47 2.76 22.40 -17.65
C LYS C 47 1.36 21.97 -17.20
N ILE C 48 0.96 20.76 -17.54
CA ILE C 48 -0.37 20.19 -17.16
C ILE C 48 -0.51 20.29 -15.64
N LEU C 49 0.49 19.80 -14.93
CA LEU C 49 0.47 19.77 -13.44
C LEU C 49 0.56 21.21 -12.92
N LYS C 50 1.42 22.05 -13.47
CA LYS C 50 1.57 23.47 -13.06
C LYS C 50 0.32 24.30 -13.39
N ASN C 51 -0.58 23.81 -14.24
CA ASN C 51 -1.88 24.45 -14.57
C ASN C 51 -3.04 23.75 -13.84
N ASN C 52 -2.74 22.83 -12.93
CA ASN C 52 -3.72 21.94 -12.24
C ASN C 52 -4.75 21.39 -13.23
N GLU C 53 -4.31 20.97 -14.42
CA GLU C 53 -5.17 20.31 -15.43
C GLU C 53 -5.13 18.79 -15.23
N ASP C 54 -6.13 18.11 -15.80
CA ASP C 54 -6.25 16.64 -15.83
C ASP C 54 -4.94 16.03 -16.39
N SER C 55 -4.39 15.08 -15.66
CA SER C 55 -3.11 14.37 -15.93
C SER C 55 -3.37 12.90 -16.26
N LYS C 56 -4.63 12.44 -16.24
CA LYS C 56 -4.98 10.99 -16.29
C LYS C 56 -4.86 10.44 -17.71
N TYR C 57 -3.65 10.43 -18.28
CA TYR C 57 -3.39 9.98 -19.68
C TYR C 57 -2.95 8.51 -19.73
N LEU C 58 -3.06 7.77 -18.62
CA LEU C 58 -2.75 6.32 -18.59
C LEU C 58 -3.53 5.69 -17.43
N GLU C 59 -4.80 5.38 -17.71
CA GLU C 59 -5.75 4.71 -16.79
C GLU C 59 -5.77 3.22 -17.10
N ASN C 60 -6.50 2.44 -16.31
CA ASN C 60 -6.80 1.01 -16.62
C ASN C 60 -5.51 0.18 -16.53
N LYS C 61 -4.45 0.76 -15.96
CA LYS C 61 -3.13 0.08 -15.80
C LYS C 61 -2.91 -0.20 -14.32
N VAL C 62 -2.38 -1.39 -14.05
CA VAL C 62 -2.07 -1.88 -12.67
C VAL C 62 -0.60 -2.34 -12.68
N PHE C 63 0.22 -1.69 -11.88
CA PHE C 63 1.68 -1.87 -11.81
C PHE C 63 2.03 -2.49 -10.46
N CYS C 64 3.09 -3.27 -10.43
CA CYS C 64 3.73 -3.70 -9.17
C CYS C 64 5.03 -2.92 -8.99
N SER C 65 5.18 -2.36 -7.80
CA SER C 65 6.38 -1.69 -7.30
C SER C 65 7.05 -2.63 -6.31
N VAL C 66 8.24 -3.13 -6.67
CA VAL C 66 9.09 -3.98 -5.79
C VAL C 66 10.29 -3.16 -5.36
N PHE C 67 10.31 -2.74 -4.10
CA PHE C 67 11.46 -2.05 -3.46
C PHE C 67 12.05 -2.99 -2.41
N LEU C 68 13.20 -3.56 -2.71
CA LEU C 68 13.90 -4.53 -1.82
C LEU C 68 15.10 -3.85 -1.15
N GLU C 69 15.12 -2.51 -1.11
CA GLU C 69 16.03 -1.74 -0.20
C GLU C 69 15.29 -0.47 0.15
N PRO C 70 15.40 0.03 1.40
CA PRO C 70 14.81 1.32 1.75
C PRO C 70 15.32 2.34 0.74
N SER C 71 14.42 2.87 -0.09
CA SER C 71 14.67 3.97 -1.06
C SER C 71 13.36 4.75 -1.26
N THR C 72 12.82 5.20 -0.12
CA THR C 72 11.52 5.86 0.04
C THR C 72 11.29 6.92 -1.05
N ARG C 73 12.26 7.81 -1.30
CA ARG C 73 11.98 8.97 -2.17
C ARG C 73 11.72 8.52 -3.62
N THR C 74 12.43 7.51 -4.13
CA THR C 74 12.29 7.06 -5.54
C THR C 74 10.97 6.31 -5.68
N ARG C 75 10.66 5.47 -4.71
CA ARG C 75 9.40 4.68 -4.67
C ARG C 75 8.21 5.66 -4.64
N CYS C 76 8.19 6.60 -3.70
CA CYS C 76 7.08 7.60 -3.56
C CYS C 76 6.96 8.39 -4.87
N SER C 77 8.10 8.67 -5.51
CA SER C 77 8.12 9.36 -6.81
C SER C 77 7.35 8.53 -7.83
N PHE C 78 7.73 7.28 -8.01
CA PHE C 78 7.18 6.37 -9.05
C PHE C 78 5.69 6.13 -8.77
N ASP C 79 5.33 5.94 -7.49
CA ASP C 79 3.91 5.75 -7.08
C ASP C 79 3.12 7.05 -7.42
N ALA C 80 3.65 8.21 -7.11
CA ALA C 80 2.96 9.49 -7.42
C ALA C 80 2.72 9.58 -8.93
N ALA C 81 3.71 9.20 -9.76
CA ALA C 81 3.61 9.29 -11.24
C ALA C 81 2.48 8.38 -11.74
N ILE C 82 2.46 7.15 -11.25
CA ILE C 82 1.47 6.10 -11.64
C ILE C 82 0.07 6.57 -11.25
N LEU C 83 -0.06 7.10 -10.04
CA LEU C 83 -1.37 7.54 -9.48
C LEU C 83 -1.84 8.80 -10.24
N LYS C 84 -0.94 9.72 -10.54
CA LYS C 84 -1.28 10.99 -11.22
C LYS C 84 -1.69 10.72 -12.67
N LEU C 85 -1.10 9.70 -13.32
CA LEU C 85 -1.49 9.31 -14.71
C LEU C 85 -2.88 8.65 -14.68
N GLY C 86 -3.39 8.38 -13.50
CA GLY C 86 -4.73 7.79 -13.31
C GLY C 86 -4.72 6.28 -13.29
N SER C 87 -3.54 5.66 -13.09
CA SER C 87 -3.43 4.18 -12.99
C SER C 87 -3.36 3.75 -11.52
N LYS C 88 -3.11 2.46 -11.27
CA LYS C 88 -3.07 1.86 -9.90
C LYS C 88 -1.77 1.09 -9.70
N VAL C 89 -1.41 0.82 -8.45
CA VAL C 89 -0.14 0.12 -8.14
C VAL C 89 -0.25 -0.70 -6.84
N LEU C 90 0.14 -1.98 -6.90
CA LEU C 90 0.40 -2.76 -5.65
C LEU C 90 1.91 -2.71 -5.33
N ASN C 91 2.23 -2.48 -4.07
CA ASN C 91 3.59 -2.20 -3.52
C ASN C 91 4.13 -3.44 -2.80
N ILE C 92 5.39 -3.77 -3.01
CA ILE C 92 6.21 -4.70 -2.17
C ILE C 92 7.41 -3.91 -1.66
N THR C 93 7.71 -4.04 -0.37
CA THR C 93 8.27 -2.92 0.40
C THR C 93 8.83 -3.43 1.74
N ASP C 94 9.75 -2.66 2.34
CA ASP C 94 10.31 -2.83 3.71
C ASP C 94 10.89 -4.25 3.83
N MET C 95 11.20 -4.91 2.70
CA MET C 95 11.83 -6.25 2.62
C MET C 95 13.18 -6.07 1.92
N ASN C 96 14.07 -7.07 2.04
CA ASN C 96 15.34 -7.20 1.29
C ASN C 96 15.26 -8.43 0.37
N SER C 97 16.22 -8.55 -0.54
CA SER C 97 16.37 -9.67 -1.51
C SER C 97 15.97 -11.02 -0.86
N THR C 98 16.28 -11.27 0.42
CA THR C 98 16.16 -12.63 1.01
C THR C 98 14.75 -12.86 1.60
N SER C 99 14.12 -11.89 2.28
CA SER C 99 12.76 -12.02 2.86
C SER C 99 11.71 -12.21 1.74
N PHE C 100 11.86 -11.53 0.61
CA PHE C 100 10.92 -11.62 -0.54
C PHE C 100 11.04 -12.96 -1.31
N TYR C 101 12.24 -13.32 -1.73
CA TYR C 101 12.49 -14.55 -2.52
C TYR C 101 12.34 -15.77 -1.61
N LYS C 102 12.58 -15.61 -0.31
CA LYS C 102 12.62 -16.73 0.65
C LYS C 102 13.46 -17.75 -0.12
N GLY C 103 12.93 -18.96 -0.28
CA GLY C 103 13.51 -20.00 -1.15
C GLY C 103 13.57 -19.57 -2.61
N GLU C 104 12.44 -19.09 -3.15
CA GLU C 104 12.10 -19.11 -4.60
C GLU C 104 13.19 -18.46 -5.47
N THR C 105 13.40 -18.97 -6.67
CA THR C 105 14.24 -18.36 -7.73
C THR C 105 13.60 -17.04 -8.18
N VAL C 106 14.40 -16.06 -8.56
CA VAL C 106 13.94 -14.74 -9.10
C VAL C 106 13.12 -15.00 -10.36
N GLU C 107 13.60 -15.90 -11.20
CA GLU C 107 12.99 -16.30 -12.51
C GLU C 107 11.54 -16.71 -12.28
N ASP C 108 11.27 -17.59 -11.31
CA ASP C 108 9.90 -18.07 -10.98
C ASP C 108 9.09 -16.89 -10.47
N ALA C 109 9.62 -16.18 -9.48
CA ALA C 109 8.99 -15.00 -8.83
C ALA C 109 8.55 -13.99 -9.91
N PHE C 110 9.39 -13.67 -10.88
CA PHE C 110 9.03 -12.68 -11.92
C PHE C 110 8.13 -13.30 -13.00
N LYS C 111 8.28 -14.59 -13.29
CA LYS C 111 7.43 -15.29 -14.29
C LYS C 111 5.98 -15.22 -13.83
N ILE C 112 5.78 -15.42 -12.54
CA ILE C 112 4.44 -15.42 -11.89
C ILE C 112 4.00 -13.96 -11.72
N LEU C 113 4.80 -13.12 -11.09
CA LEU C 113 4.34 -11.75 -10.74
C LEU C 113 3.87 -11.03 -12.02
N SER C 114 4.58 -11.22 -13.13
CA SER C 114 4.29 -10.59 -14.44
C SER C 114 3.00 -11.12 -15.09
N THR C 115 2.37 -12.18 -14.60
CA THR C 115 1.05 -12.64 -15.13
C THR C 115 -0.06 -11.81 -14.48
N TYR C 116 0.18 -11.14 -13.36
CA TYR C 116 -0.82 -10.32 -12.60
C TYR C 116 -0.90 -8.87 -13.05
N VAL C 117 0.18 -8.28 -13.56
CA VAL C 117 0.31 -6.78 -13.65
C VAL C 117 0.73 -6.37 -15.07
N ASP C 118 0.64 -5.08 -15.39
CA ASP C 118 1.00 -4.60 -16.74
C ASP C 118 2.50 -4.29 -16.78
N GLY C 119 3.08 -3.84 -15.68
CA GLY C 119 4.53 -3.56 -15.67
C GLY C 119 5.04 -3.51 -14.25
N ILE C 120 6.35 -3.57 -14.09
CA ILE C 120 6.97 -3.66 -12.74
C ILE C 120 8.04 -2.58 -12.63
N ILE C 121 7.99 -1.78 -11.56
CA ILE C 121 9.12 -0.92 -11.13
C ILE C 121 9.90 -1.75 -10.10
N TYR C 122 11.20 -1.94 -10.32
CA TYR C 122 12.04 -2.85 -9.51
C TYR C 122 13.29 -2.12 -9.05
N ARG C 123 13.44 -2.02 -7.74
CA ARG C 123 14.71 -1.65 -7.09
C ARG C 123 15.23 -2.83 -6.25
N ASP C 124 16.50 -3.17 -6.45
CA ASP C 124 17.22 -4.28 -5.78
C ASP C 124 18.71 -3.93 -5.80
N PRO C 125 19.40 -3.97 -4.64
CA PRO C 125 20.86 -3.77 -4.62
C PRO C 125 21.56 -4.63 -5.67
N SER C 126 21.18 -5.90 -5.80
CA SER C 126 21.74 -6.87 -6.77
C SER C 126 21.55 -6.41 -8.23
N LYS C 127 22.63 -6.07 -8.92
CA LYS C 127 22.73 -5.95 -10.40
C LYS C 127 22.10 -7.18 -11.08
N LYS C 128 22.49 -8.39 -10.62
CA LYS C 128 22.11 -9.69 -11.22
C LYS C 128 20.59 -9.79 -11.27
N ASN C 129 19.95 -9.54 -10.14
CA ASN C 129 18.52 -9.85 -9.90
C ASN C 129 17.66 -9.13 -10.95
N VAL C 130 17.98 -7.87 -11.25
CA VAL C 130 17.22 -7.06 -12.23
C VAL C 130 17.37 -7.70 -13.60
N ASP C 131 18.57 -8.13 -13.95
CA ASP C 131 18.83 -8.79 -15.26
C ASP C 131 18.02 -10.10 -15.33
N ILE C 132 18.02 -10.91 -14.27
CA ILE C 132 17.24 -12.17 -14.22
C ILE C 132 15.77 -11.81 -14.44
N ALA C 133 15.31 -10.78 -13.72
CA ALA C 133 13.91 -10.29 -13.70
C ALA C 133 13.45 -9.94 -15.12
N VAL C 134 14.29 -9.26 -15.90
CA VAL C 134 13.99 -8.95 -17.33
C VAL C 134 13.90 -10.27 -18.12
N SER C 135 14.80 -11.23 -17.89
CA SER C 135 14.82 -12.56 -18.58
C SER C 135 13.50 -13.29 -18.39
N SER C 136 12.93 -13.21 -17.18
CA SER C 136 11.80 -14.04 -16.73
C SER C 136 10.45 -13.34 -16.87
N SER C 137 10.44 -12.00 -16.86
CA SER C 137 9.19 -11.19 -16.83
C SER C 137 8.59 -11.15 -18.22
N SER C 138 7.30 -11.47 -18.36
CA SER C 138 6.58 -11.30 -19.63
C SER C 138 6.20 -9.81 -19.79
N LYS C 139 6.51 -8.98 -18.80
CA LYS C 139 6.02 -7.59 -18.80
C LYS C 139 7.24 -6.68 -18.67
N PRO C 140 7.15 -5.46 -19.22
CA PRO C 140 8.20 -4.45 -19.06
C PRO C 140 8.60 -4.15 -17.61
N ILE C 141 9.89 -3.99 -17.38
CA ILE C 141 10.46 -3.58 -16.07
C ILE C 141 11.16 -2.23 -16.26
N ILE C 142 10.94 -1.34 -15.30
CA ILE C 142 11.76 -0.13 -15.16
C ILE C 142 12.65 -0.33 -13.94
N ASN C 143 13.96 -0.31 -14.13
CA ASN C 143 14.94 -0.26 -13.02
C ASN C 143 14.79 1.06 -12.25
N ALA C 144 14.51 0.98 -10.95
CA ALA C 144 14.42 2.12 -10.02
C ALA C 144 15.72 2.27 -9.25
N GLY C 145 16.77 1.48 -9.61
CA GLY C 145 18.09 1.53 -8.95
C GLY C 145 18.62 0.13 -8.66
N ASN C 146 19.88 -0.19 -9.01
CA ASN C 146 20.52 -1.47 -8.63
C ASN C 146 21.98 -1.26 -8.18
N GLY C 147 22.76 -2.35 -8.16
CA GLY C 147 24.12 -2.45 -7.56
C GLY C 147 25.25 -2.16 -8.53
N THR C 148 24.99 -2.12 -9.84
CA THR C 148 25.93 -1.62 -10.88
C THR C 148 25.90 -0.09 -10.92
N GLY C 149 24.98 0.53 -10.19
CA GLY C 149 24.72 1.98 -10.27
C GLY C 149 23.90 2.38 -11.48
N GLU C 150 23.31 1.41 -12.18
CA GLU C 150 22.26 1.72 -13.17
C GLU C 150 21.05 2.27 -12.41
N HIS C 151 20.75 3.56 -12.60
CA HIS C 151 19.54 4.23 -12.07
C HIS C 151 19.04 5.17 -13.15
N PRO C 152 18.50 4.62 -14.25
CA PRO C 152 18.22 5.38 -15.47
C PRO C 152 17.35 6.62 -15.30
N THR C 153 16.28 6.55 -14.49
CA THR C 153 15.31 7.66 -14.34
C THR C 153 15.97 8.83 -13.63
N GLN C 154 16.99 8.58 -12.81
CA GLN C 154 17.78 9.67 -12.17
C GLN C 154 18.59 10.41 -13.24
N SER C 155 19.26 9.70 -14.14
CA SER C 155 19.95 10.25 -15.33
C SER C 155 18.97 11.13 -16.11
N LEU C 156 17.79 10.64 -16.45
CA LEU C 156 16.83 11.37 -17.32
C LEU C 156 16.37 12.68 -16.64
N LEU C 157 16.01 12.66 -15.35
CA LEU C 157 15.56 13.88 -14.62
C LEU C 157 16.78 14.80 -14.35
N ASP C 158 17.98 14.25 -14.12
CA ASP C 158 19.26 15.01 -14.05
C ASP C 158 19.45 15.79 -15.35
N PHE C 159 19.36 15.07 -16.46
CA PHE C 159 19.48 15.61 -17.84
C PHE C 159 18.32 16.57 -18.12
N TYR C 160 17.10 16.28 -17.65
CA TYR C 160 15.91 17.14 -17.90
C TYR C 160 16.18 18.52 -17.28
N THR C 161 16.61 18.50 -16.03
CA THR C 161 16.93 19.70 -15.22
C THR C 161 17.93 20.57 -15.98
N ILE C 162 19.04 19.97 -16.41
CA ILE C 162 20.09 20.68 -17.18
C ILE C 162 19.45 21.27 -18.44
N HIS C 163 18.73 20.47 -19.22
CA HIS C 163 18.15 20.89 -20.53
C HIS C 163 17.31 22.15 -20.35
N ASN C 164 16.58 22.29 -19.24
CA ASN C 164 15.69 23.47 -19.02
C ASN C 164 16.52 24.76 -18.89
N TYR C 165 17.70 24.74 -18.29
CA TYR C 165 18.57 25.94 -18.09
C TYR C 165 19.55 26.14 -19.26
N PHE C 166 19.82 25.10 -20.07
CA PHE C 166 20.82 25.13 -21.16
C PHE C 166 20.37 24.22 -22.31
N PRO C 167 19.25 24.55 -23.02
CA PRO C 167 18.72 23.66 -24.05
C PRO C 167 19.63 23.44 -25.28
N PHE C 168 20.79 24.10 -25.35
CA PHE C 168 21.78 23.95 -26.46
C PHE C 168 22.61 22.66 -26.34
N ILE C 169 22.55 22.00 -25.18
CA ILE C 169 23.16 20.65 -24.99
C ILE C 169 22.58 19.72 -26.08
N LEU C 170 21.29 19.87 -26.38
CA LEU C 170 20.58 19.04 -27.39
C LEU C 170 20.94 19.43 -28.83
N ASP C 171 21.41 20.64 -29.07
CA ASP C 171 21.61 21.22 -30.43
C ASP C 171 22.85 20.58 -31.11
N ARG C 172 23.82 20.04 -30.36
CA ARG C 172 25.02 19.34 -30.93
C ARG C 172 25.73 20.27 -31.94
N ASN C 173 26.85 20.87 -31.55
CA ASN C 173 27.54 21.90 -32.35
C ASN C 173 28.75 22.36 -31.55
N ILE C 174 29.96 22.40 -32.15
CA ILE C 174 31.23 22.75 -31.45
C ILE C 174 31.09 24.12 -30.75
N ASN C 175 30.20 24.99 -31.26
CA ASN C 175 29.74 26.23 -30.58
C ASN C 175 29.00 25.91 -29.26
N LYS C 176 28.01 25.03 -29.31
CA LYS C 176 27.05 24.77 -28.21
C LYS C 176 27.67 23.81 -27.18
N LYS C 177 28.72 24.26 -26.46
CA LYS C 177 29.50 23.42 -25.52
C LYS C 177 29.17 23.77 -24.07
N LEU C 178 28.68 22.79 -23.29
CA LEU C 178 28.37 22.92 -21.84
C LEU C 178 29.53 22.39 -21.01
N ASN C 179 29.89 23.06 -19.92
CA ASN C 179 30.92 22.58 -18.97
C ASN C 179 30.24 22.30 -17.63
N ILE C 180 30.59 21.20 -16.96
CA ILE C 180 29.95 20.77 -15.67
C ILE C 180 31.04 20.25 -14.74
N ALA C 181 30.91 20.55 -13.45
CA ALA C 181 31.75 20.04 -12.35
C ALA C 181 30.94 19.04 -11.50
N PHE C 182 31.35 17.77 -11.51
CA PHE C 182 30.97 16.73 -10.52
C PHE C 182 31.93 16.81 -9.32
N VAL C 183 31.39 16.87 -8.08
CA VAL C 183 32.16 17.15 -6.82
C VAL C 183 31.84 16.13 -5.73
N GLY C 184 32.86 15.63 -5.04
CA GLY C 184 32.72 14.74 -3.86
C GLY C 184 33.11 13.32 -4.20
N ASP C 185 32.37 12.32 -3.71
CA ASP C 185 32.68 10.88 -3.92
C ASP C 185 32.38 10.50 -5.38
N LEU C 186 33.40 10.53 -6.23
CA LEU C 186 33.28 10.23 -7.68
C LEU C 186 33.48 8.73 -7.92
N LYS C 187 34.08 8.01 -6.96
CA LYS C 187 34.30 6.54 -7.09
C LYS C 187 32.94 5.83 -7.02
N ASN C 188 32.10 6.21 -6.05
CA ASN C 188 30.83 5.52 -5.68
C ASN C 188 29.59 6.33 -6.08
N GLY C 189 29.75 7.59 -6.45
CA GLY C 189 28.65 8.41 -6.98
C GLY C 189 28.16 7.86 -8.31
N ARG C 190 27.38 6.78 -8.29
CA ARG C 190 27.01 6.03 -9.51
C ARG C 190 26.08 6.91 -10.34
N THR C 191 25.53 7.92 -9.69
CA THR C 191 24.66 8.93 -10.32
C THR C 191 25.49 9.81 -11.28
N VAL C 192 26.74 10.10 -10.90
CA VAL C 192 27.77 10.79 -11.74
C VAL C 192 28.00 9.95 -13.01
N HIS C 193 28.22 8.63 -12.85
CA HIS C 193 28.63 7.73 -13.94
C HIS C 193 27.52 7.68 -14.97
N SER C 194 26.31 7.34 -14.53
CA SER C 194 25.14 7.19 -15.41
C SER C 194 24.95 8.48 -16.23
N LEU C 195 25.03 9.66 -15.59
CA LEU C 195 24.83 10.99 -16.23
C LEU C 195 26.02 11.35 -17.15
N SER C 196 27.27 11.25 -16.66
CA SER C 196 28.50 11.34 -17.48
C SER C 196 28.31 10.61 -18.82
N LYS C 197 27.78 9.39 -18.77
CA LYS C 197 27.49 8.54 -19.96
C LYS C 197 26.49 9.24 -20.89
N LEU C 198 25.39 9.74 -20.36
CA LEU C 198 24.34 10.44 -21.17
C LEU C 198 24.90 11.76 -21.73
N LEU C 199 25.64 12.52 -20.91
CA LEU C 199 26.17 13.87 -21.27
C LEU C 199 27.12 13.74 -22.46
N SER C 200 28.05 12.77 -22.42
CA SER C 200 29.17 12.64 -23.39
C SER C 200 28.64 12.33 -24.78
N ARG C 201 27.33 12.13 -24.93
CA ARG C 201 26.65 11.93 -26.23
C ARG C 201 26.46 13.30 -26.91
N TYR C 202 26.69 14.39 -26.17
CA TYR C 202 26.47 15.80 -26.58
C TYR C 202 27.78 16.60 -26.44
N ASN C 203 27.77 17.90 -26.77
CA ASN C 203 29.00 18.72 -26.70
C ASN C 203 29.21 19.18 -25.26
N VAL C 204 30.03 18.45 -24.48
CA VAL C 204 30.14 18.66 -23.01
C VAL C 204 31.59 18.53 -22.54
N SER C 205 31.97 19.28 -21.51
CA SER C 205 33.29 19.21 -20.83
C SER C 205 33.09 18.97 -19.34
N PHE C 206 34.05 18.27 -18.71
CA PHE C 206 33.93 17.66 -17.35
C PHE C 206 35.08 18.07 -16.44
N ASN C 207 34.76 18.64 -15.29
CA ASN C 207 35.70 18.93 -14.18
C ASN C 207 35.41 17.96 -13.04
N PHE C 208 36.25 16.94 -12.84
CA PHE C 208 36.10 15.94 -11.75
C PHE C 208 36.86 16.45 -10.51
N VAL C 209 36.11 16.91 -9.50
CA VAL C 209 36.66 17.46 -8.23
C VAL C 209 36.53 16.38 -7.15
N SER C 210 37.65 15.78 -6.73
CA SER C 210 37.62 14.66 -5.76
C SER C 210 38.81 14.72 -4.81
N CYS C 211 38.73 13.96 -3.73
CA CYS C 211 39.86 13.65 -2.82
C CYS C 211 40.43 12.28 -3.19
N LYS C 212 41.66 12.26 -3.71
CA LYS C 212 42.47 11.08 -4.14
C LYS C 212 41.70 9.74 -4.11
N SER C 213 41.38 9.18 -2.93
CA SER C 213 40.77 7.84 -2.74
C SER C 213 39.44 7.72 -3.48
N LEU C 214 38.79 8.85 -3.82
CA LEU C 214 37.42 8.92 -4.42
C LEU C 214 37.48 9.54 -5.83
N ASN C 215 38.62 9.42 -6.52
CA ASN C 215 38.80 9.85 -7.94
C ASN C 215 37.78 9.08 -8.81
N ILE C 216 37.39 9.69 -9.93
CA ILE C 216 36.46 9.08 -10.92
C ILE C 216 37.11 7.81 -11.48
N PRO C 217 36.34 6.74 -11.80
CA PRO C 217 36.89 5.53 -12.41
C PRO C 217 37.34 5.73 -13.87
N LYS C 218 38.39 5.00 -14.29
CA LYS C 218 38.93 5.12 -15.66
C LYS C 218 37.91 4.61 -16.67
N ASP C 219 37.13 3.56 -16.34
CA ASP C 219 36.11 2.93 -17.23
C ASP C 219 35.16 4.01 -17.76
N ILE C 220 34.77 4.92 -16.86
CA ILE C 220 33.81 6.03 -17.17
C ILE C 220 34.54 7.05 -18.04
N VAL C 221 35.78 7.40 -17.68
CA VAL C 221 36.61 8.34 -18.50
C VAL C 221 36.66 7.83 -19.94
N ASN C 222 36.77 6.50 -20.14
CA ASN C 222 36.97 5.88 -21.48
C ASN C 222 35.67 5.93 -22.30
N THR C 223 34.52 5.79 -21.63
CA THR C 223 33.16 5.90 -22.22
C THR C 223 32.90 7.35 -22.64
N ILE C 224 33.24 8.29 -21.77
CA ILE C 224 33.14 9.75 -22.05
C ILE C 224 33.95 10.01 -23.33
N THR C 225 35.25 9.68 -23.28
CA THR C 225 36.22 9.85 -24.38
C THR C 225 35.65 9.21 -25.64
N TYR C 226 35.21 7.95 -25.55
CA TYR C 226 34.65 7.20 -26.71
C TYR C 226 33.51 8.04 -27.33
N ASN C 227 32.55 8.51 -26.49
CA ASN C 227 31.27 9.13 -26.95
C ASN C 227 31.48 10.55 -27.43
N LEU C 228 32.41 11.28 -26.83
CA LEU C 228 32.80 12.63 -27.27
C LEU C 228 33.39 12.49 -28.67
N LYS C 229 34.40 11.63 -28.83
CA LYS C 229 35.04 11.34 -30.15
C LYS C 229 33.96 11.00 -31.17
N LYS C 230 33.00 10.13 -30.84
CA LYS C 230 31.95 9.73 -31.81
C LYS C 230 31.33 10.98 -32.46
N ASN C 231 31.13 12.08 -31.73
CA ASN C 231 30.48 13.33 -32.27
C ASN C 231 31.50 14.45 -32.51
N ASN C 232 32.80 14.16 -32.47
CA ASN C 232 33.91 15.12 -32.78
C ASN C 232 33.80 16.31 -31.84
N PHE C 233 33.63 16.06 -30.55
CA PHE C 233 33.57 17.07 -29.46
C PHE C 233 34.67 16.76 -28.45
N TYR C 234 35.60 15.85 -28.75
CA TYR C 234 36.65 15.48 -27.77
C TYR C 234 37.85 16.37 -28.03
N SER C 235 38.50 16.83 -26.95
CA SER C 235 39.89 17.39 -26.94
C SER C 235 40.57 16.97 -25.63
N ASP C 236 41.81 17.39 -25.40
CA ASP C 236 42.55 17.09 -24.15
C ASP C 236 42.15 18.10 -23.08
N ASP C 237 41.35 19.11 -23.46
CA ASP C 237 40.74 20.12 -22.55
C ASP C 237 39.24 19.77 -22.32
N SER C 238 38.80 18.53 -22.63
CA SER C 238 37.41 18.01 -22.46
C SER C 238 37.20 17.54 -21.03
N ILE C 239 38.28 17.07 -20.39
CA ILE C 239 38.25 16.45 -19.03
C ILE C 239 39.38 17.10 -18.23
N LYS C 240 39.07 17.75 -17.11
CA LYS C 240 40.09 18.29 -16.18
C LYS C 240 39.80 17.75 -14.77
N TYR C 241 40.86 17.44 -14.01
CA TYR C 241 40.80 16.93 -12.62
C TYR C 241 41.17 18.08 -11.68
N PHE C 242 40.56 18.14 -10.51
CA PHE C 242 40.86 19.14 -9.46
C PHE C 242 40.76 18.50 -8.08
N ASP C 243 41.44 19.14 -7.14
CA ASP C 243 41.68 18.67 -5.76
C ASP C 243 41.01 19.63 -4.79
N ASN C 244 40.59 20.82 -5.28
CA ASN C 244 39.95 21.87 -4.47
C ASN C 244 38.79 22.49 -5.27
N LEU C 245 37.82 23.09 -4.55
CA LEU C 245 36.60 23.74 -5.11
C LEU C 245 36.94 25.05 -5.81
N GLU C 246 37.85 25.82 -5.20
CA GLU C 246 38.42 27.11 -5.68
C GLU C 246 38.48 27.13 -7.21
N GLU C 247 39.31 26.24 -7.76
CA GLU C 247 39.57 26.14 -9.23
C GLU C 247 38.44 25.30 -9.83
N GLY C 248 38.02 24.24 -9.11
CA GLY C 248 36.98 23.29 -9.54
C GLY C 248 35.73 23.97 -10.08
N LEU C 249 35.20 24.95 -9.35
CA LEU C 249 33.83 25.48 -9.56
C LEU C 249 33.82 26.55 -10.66
N GLU C 250 34.95 26.71 -11.36
CA GLU C 250 35.18 27.79 -12.35
C GLU C 250 34.19 27.65 -13.51
N ASP C 251 34.64 27.71 -14.76
CA ASP C 251 33.79 28.20 -15.87
C ASP C 251 32.72 27.16 -16.18
N VAL C 252 32.07 26.62 -15.12
CA VAL C 252 31.15 25.46 -15.22
C VAL C 252 29.71 25.99 -15.16
N HIS C 253 28.92 25.63 -16.17
CA HIS C 253 27.48 25.96 -16.28
C HIS C 253 26.69 25.20 -15.21
N ILE C 254 27.13 23.99 -14.85
CA ILE C 254 26.47 23.12 -13.82
C ILE C 254 27.48 22.70 -12.77
N ILE C 255 27.14 22.87 -11.49
CA ILE C 255 27.81 22.17 -10.37
C ILE C 255 26.91 21.04 -9.87
N TYR C 256 27.31 19.80 -10.09
CA TYR C 256 26.63 18.58 -9.56
C TYR C 256 27.39 18.11 -8.32
N MET C 257 26.81 18.29 -7.13
CA MET C 257 27.38 17.73 -5.88
C MET C 257 26.90 16.27 -5.73
N THR C 258 27.78 15.40 -5.25
CA THR C 258 27.45 13.99 -4.91
C THR C 258 27.16 13.89 -3.42
N ARG C 259 26.48 12.81 -3.07
CA ARG C 259 26.25 12.36 -1.67
C ARG C 259 27.56 11.90 -1.05
N ILE C 260 27.57 11.84 0.29
CA ILE C 260 28.75 11.60 1.16
C ILE C 260 28.21 11.16 2.53
N ASN C 276 32.99 16.11 4.96
CA ASN C 276 33.76 15.84 3.72
C ASN C 276 34.81 16.93 3.52
N ALA C 277 35.36 17.01 2.30
CA ALA C 277 36.44 17.91 1.83
C ALA C 277 35.89 19.13 1.11
N PHE C 278 34.74 18.98 0.46
CA PHE C 278 34.10 20.01 -0.41
C PHE C 278 32.69 20.28 0.14
N ILE C 279 32.58 21.32 0.96
CA ILE C 279 31.29 21.83 1.51
C ILE C 279 30.96 23.15 0.79
N LEU C 280 29.91 23.14 -0.03
CA LEU C 280 29.47 24.29 -0.84
C LEU C 280 28.85 25.32 0.11
N SER C 281 29.41 26.54 0.13
CA SER C 281 28.94 27.72 0.90
C SER C 281 28.58 28.83 -0.09
N ASN C 282 27.98 29.92 0.38
CA ASN C 282 27.76 31.12 -0.47
C ASN C 282 29.11 31.76 -0.77
N LYS C 283 30.08 31.65 0.16
CA LYS C 283 31.50 32.05 -0.04
C LYS C 283 32.03 31.43 -1.35
N THR C 284 32.09 30.10 -1.39
CA THR C 284 32.69 29.28 -2.47
C THR C 284 31.94 29.44 -3.80
N LEU C 285 30.74 30.04 -3.81
CA LEU C 285 29.93 30.22 -5.05
C LEU C 285 30.12 31.63 -5.64
N GLU C 286 30.97 32.44 -5.01
CA GLU C 286 31.24 33.85 -5.40
C GLU C 286 31.96 33.91 -6.75
N ASN C 287 32.92 33.02 -7.00
CA ASN C 287 33.72 33.00 -8.25
C ASN C 287 33.26 31.86 -9.16
N THR C 288 31.94 31.75 -9.39
CA THR C 288 31.31 30.88 -10.42
C THR C 288 30.73 31.75 -11.51
N ARG C 289 30.41 31.20 -12.69
CA ARG C 289 29.66 31.95 -13.73
C ARG C 289 28.38 32.49 -13.07
N ASP C 290 27.78 33.53 -13.63
CA ASP C 290 26.52 34.08 -13.07
C ASP C 290 25.41 33.08 -13.35
N ASP C 291 25.44 32.39 -14.49
CA ASP C 291 24.34 31.48 -14.90
C ASP C 291 24.47 30.10 -14.24
N THR C 292 25.59 29.76 -13.58
CA THR C 292 25.82 28.41 -12.96
C THR C 292 24.59 28.00 -12.14
N LYS C 293 24.17 26.75 -12.24
CA LYS C 293 23.08 26.14 -11.42
C LYS C 293 23.67 24.94 -10.68
N ILE C 294 23.21 24.71 -9.45
CA ILE C 294 23.71 23.64 -8.55
C ILE C 294 22.64 22.54 -8.46
N LEU C 295 23.04 21.31 -8.82
CA LEU C 295 22.24 20.05 -8.74
C LEU C 295 22.80 19.18 -7.61
N HIS C 296 21.95 18.32 -7.07
CA HIS C 296 22.35 17.34 -6.05
C HIS C 296 21.25 16.29 -6.03
N PRO C 297 21.57 15.00 -6.27
CA PRO C 297 20.54 13.98 -6.41
C PRO C 297 19.71 13.85 -5.13
N LEU C 298 20.33 14.19 -3.98
CA LEU C 298 19.77 14.18 -2.60
C LEU C 298 19.58 12.74 -2.17
N PRO C 299 19.70 12.44 -0.86
CA PRO C 299 19.82 13.46 0.19
C PRO C 299 21.22 14.06 0.38
N ARG C 300 21.25 15.36 0.69
CA ARG C 300 22.47 16.04 1.18
C ARG C 300 22.58 15.74 2.68
N VAL C 301 23.80 15.76 3.23
CA VAL C 301 24.05 15.47 4.67
C VAL C 301 24.94 16.58 5.26
N ASN C 302 25.42 17.57 4.50
CA ASN C 302 26.50 18.49 4.97
C ASN C 302 27.24 19.16 3.81
N GLU C 303 27.14 18.56 2.63
CA GLU C 303 27.87 18.92 1.39
C GLU C 303 27.45 20.31 0.91
N ILE C 304 26.18 20.68 1.10
CA ILE C 304 25.65 22.03 0.75
C ILE C 304 24.98 22.60 1.99
N LYS C 305 25.43 23.79 2.43
CA LYS C 305 24.94 24.53 3.61
C LYS C 305 23.59 25.16 3.29
N VAL C 306 22.74 25.28 4.32
CA VAL C 306 21.32 25.70 4.19
C VAL C 306 21.28 27.11 3.55
N GLU C 307 22.30 27.94 3.79
CA GLU C 307 22.36 29.32 3.24
C GLU C 307 22.23 29.28 1.72
N VAL C 308 22.74 28.23 1.07
CA VAL C 308 22.78 28.13 -0.43
C VAL C 308 21.37 27.96 -1.00
N ASP C 309 20.44 27.45 -0.19
CA ASP C 309 19.04 27.16 -0.62
C ASP C 309 18.37 28.46 -1.11
N SER C 310 18.76 29.61 -0.54
CA SER C 310 18.23 30.96 -0.85
C SER C 310 18.85 31.50 -2.14
N ASN C 311 20.10 31.13 -2.39
CA ASN C 311 20.87 31.54 -3.59
C ASN C 311 20.14 31.07 -4.85
N PRO C 312 19.75 31.97 -5.80
CA PRO C 312 18.94 31.57 -6.97
C PRO C 312 19.66 30.62 -7.95
N LYS C 313 20.97 30.41 -7.78
CA LYS C 313 21.77 29.41 -8.54
C LYS C 313 21.36 27.98 -8.14
N SER C 314 20.93 27.74 -6.90
CA SER C 314 20.54 26.40 -6.41
C SER C 314 19.20 25.97 -7.05
N VAL C 315 19.15 24.76 -7.60
CA VAL C 315 17.95 24.17 -8.27
C VAL C 315 17.75 22.70 -7.89
N TYR C 316 18.42 22.20 -6.85
CA TYR C 316 18.33 20.78 -6.46
C TYR C 316 16.89 20.37 -6.10
N PHE C 317 16.04 21.31 -5.65
CA PHE C 317 14.66 20.98 -5.20
C PHE C 317 13.77 20.89 -6.43
N THR C 318 13.98 21.75 -7.44
CA THR C 318 13.29 21.65 -8.75
C THR C 318 13.68 20.33 -9.43
N GLN C 319 14.93 19.93 -9.22
CA GLN C 319 15.51 18.71 -9.80
C GLN C 319 14.74 17.50 -9.27
N ALA C 320 14.55 17.39 -7.95
CA ALA C 320 13.77 16.30 -7.34
C ALA C 320 12.34 16.34 -7.87
N GLU C 321 11.74 17.51 -7.94
CA GLU C 321 10.36 17.72 -8.44
C GLU C 321 10.29 17.16 -9.86
N ASN C 322 11.33 17.36 -10.67
CA ASN C 322 11.28 17.00 -12.11
C ASN C 322 11.10 15.49 -12.27
N GLY C 323 11.56 14.71 -11.29
CA GLY C 323 11.42 13.24 -11.25
C GLY C 323 10.00 12.81 -11.48
N LEU C 324 9.04 13.54 -10.93
CA LEU C 324 7.61 13.19 -11.13
C LEU C 324 7.29 13.24 -12.63
N TYR C 325 7.58 14.37 -13.27
CA TYR C 325 7.25 14.68 -14.69
C TYR C 325 7.98 13.71 -15.61
N VAL C 326 9.25 13.43 -15.32
CA VAL C 326 10.03 12.46 -16.14
C VAL C 326 9.46 11.06 -15.96
N ARG C 327 9.13 10.64 -14.74
CA ARG C 327 8.66 9.25 -14.51
C ARG C 327 7.29 9.09 -15.16
N MET C 328 6.49 10.16 -15.21
CA MET C 328 5.14 10.11 -15.82
C MET C 328 5.28 9.89 -17.32
N ALA C 329 6.11 10.73 -17.95
CA ALA C 329 6.57 10.64 -19.35
C ALA C 329 6.96 9.20 -19.68
N LEU C 330 7.91 8.64 -18.93
CA LEU C 330 8.48 7.30 -19.25
C LEU C 330 7.37 6.22 -19.22
N LEU C 331 6.51 6.25 -18.20
CA LEU C 331 5.40 5.28 -18.04
C LEU C 331 4.39 5.46 -19.18
N TYR C 332 4.02 6.71 -19.49
CA TYR C 332 3.05 7.04 -20.58
C TYR C 332 3.59 6.50 -21.92
N LEU C 333 4.87 6.74 -22.20
CA LEU C 333 5.50 6.38 -23.49
C LEU C 333 5.53 4.86 -23.65
N ILE C 334 5.71 4.13 -22.54
CA ILE C 334 5.99 2.67 -22.58
C ILE C 334 4.68 1.86 -22.56
N PHE C 335 3.67 2.31 -21.79
CA PHE C 335 2.50 1.48 -21.40
C PHE C 335 1.20 1.93 -22.09
N SER C 336 1.15 3.14 -22.67
CA SER C 336 -0.01 3.62 -23.47
C SER C 336 -0.24 2.64 -24.61
N SER C 337 -1.50 2.32 -24.93
CA SER C 337 -1.88 1.34 -25.99
C SER C 337 -2.16 2.06 -27.31
#